data_5E3K
#
_entry.id   5E3K
#
_cell.length_a   56.328
_cell.length_b   61.524
_cell.length_c   63.555
_cell.angle_alpha   100.72
_cell.angle_beta   92.96
_cell.angle_gamma   108.18
#
_symmetry.space_group_name_H-M   'P 1'
#
loop_
_entity.id
_entity.type
_entity.pdbx_description
1 polymer Aminotransferase
2 non-polymer '4-[(E)-({3-hydroxy-2-methyl-5-[(phosphonooxy)methyl]pyridin-4-yl}methylidene)amino]pent-4-enoic acid'
3 non-polymer 'SULFATE ION'
4 non-polymer DI(HYDROXYETHYL)ETHER
5 non-polymer 'CARBONATE ION'
6 water water
#
_entity_poly.entity_id   1
_entity_poly.type   'polypeptide(L)'
_entity_poly.pdbx_seq_one_letter_code
;MATKSDGSASAAAEGGARKTNIEAYRDGLKLKTEEDFFACDRQYVCQNYAPVPVVISKGKGARVWDINGNEYYDFLAGVS
SLSQGHCHPRVIAALCRQAERLTLTLRAFGNDVTGPACRFMAEMFGYDRVLLMNTGAEAGESALKIARKWAYEVKEIPPD
SAKVILCNNNYWGRTITACSSSTTFDCYNNFGPFTPGFELIDYDDVGALEEALKDPNVAAFFVEPIQGEGGVNVPKPGYL
KRAHELCRSKNVLLIVDEIQTGLCRTGRLLAADHDEVHPDILLLGKSLSAGVVPISAVMGRADVMDVLKPGTHGSTFGGN
PLACAVAVEALTVLKDEKLADRAERLGAQFRDCLRRELYGKVPWIKEIRGRGLLNAVEVDSDAIDPNDVVMKLKENGILS
KPTRGRVMRFIPPLVITDEEHRDATTRIIKSFLAVEEERKK
;
_entity_poly.pdbx_strand_id   A,B
#
loop_
_chem_comp.id
_chem_comp.type
_chem_comp.name
_chem_comp.formula
5JV non-polymer '4-[(E)-({3-hydroxy-2-methyl-5-[(phosphonooxy)methyl]pyridin-4-yl}methylidene)amino]pent-4-enoic acid' 'C13 H17 N2 O7 P'
CO3 non-polymer 'CARBONATE ION' 'C O3 -2'
PEG non-polymer DI(HYDROXYETHYL)ETHER 'C4 H10 O3'
SO4 non-polymer 'SULFATE ION' 'O4 S -2'
#
# COMPACT_ATOMS: atom_id res chain seq x y z
N ARG A 18 -20.53 22.46 -5.74
CA ARG A 18 -20.23 21.72 -7.02
C ARG A 18 -19.92 20.20 -6.80
N LYS A 19 -20.81 19.34 -7.31
CA LYS A 19 -20.74 17.91 -6.99
C LYS A 19 -19.59 17.20 -7.72
N THR A 20 -18.79 16.46 -6.98
CA THR A 20 -17.74 15.67 -7.58
C THR A 20 -18.32 14.36 -8.10
N ASN A 21 -17.54 13.60 -8.84
CA ASN A 21 -18.14 12.49 -9.58
C ASN A 21 -18.75 11.43 -8.66
N ILE A 22 -18.08 11.11 -7.54
CA ILE A 22 -18.64 10.12 -6.62
C ILE A 22 -19.98 10.55 -6.07
N GLU A 23 -20.11 11.82 -5.77
CA GLU A 23 -21.37 12.38 -5.21
C GLU A 23 -22.48 12.24 -6.23
N ALA A 24 -22.24 12.74 -7.44
CA ALA A 24 -23.25 12.69 -8.51
C ALA A 24 -23.62 11.23 -8.87
N TYR A 25 -22.62 10.37 -8.95
CA TYR A 25 -22.85 8.97 -9.23
C TYR A 25 -23.71 8.36 -8.12
N ARG A 26 -23.28 8.54 -6.88
CA ARG A 26 -24.03 7.99 -5.73
C ARG A 26 -25.49 8.52 -5.69
N ASP A 27 -25.66 9.82 -5.89
CA ASP A 27 -26.99 10.40 -6.01
C ASP A 27 -27.87 9.62 -6.97
N GLY A 28 -27.31 9.26 -8.13
CA GLY A 28 -28.07 8.62 -9.16
C GLY A 28 -28.51 7.23 -8.77
N LEU A 29 -27.82 6.59 -7.81
CA LEU A 29 -28.19 5.24 -7.36
C LEU A 29 -29.39 5.22 -6.43
N LYS A 30 -29.77 6.37 -5.92
CA LYS A 30 -30.98 6.49 -5.12
C LYS A 30 -30.93 5.52 -3.93
N LEU A 31 -29.84 5.61 -3.17
CA LEU A 31 -29.65 4.78 -1.99
C LEU A 31 -30.18 5.56 -0.81
N LYS A 32 -31.25 5.09 -0.17
CA LYS A 32 -31.87 5.82 0.97
C LYS A 32 -31.51 5.24 2.35
N THR A 33 -31.63 3.94 2.50
CA THR A 33 -31.51 3.27 3.79
C THR A 33 -30.16 2.62 3.97
N GLU A 34 -29.81 2.26 5.19
CA GLU A 34 -28.57 1.48 5.35
C GLU A 34 -28.65 0.20 4.54
N GLU A 35 -29.82 -0.45 4.57
CA GLU A 35 -29.98 -1.70 3.83
C GLU A 35 -29.64 -1.52 2.34
N ASP A 36 -30.01 -0.38 1.76
CA ASP A 36 -29.66 -0.09 0.35
C ASP A 36 -28.12 -0.16 0.13
N PHE A 37 -27.38 0.42 1.08
CA PHE A 37 -25.91 0.33 1.03
C PHE A 37 -25.39 -1.07 1.24
N PHE A 38 -26.01 -1.83 2.18
CA PHE A 38 -25.59 -3.22 2.42
C PHE A 38 -25.78 -4.06 1.17
N ALA A 39 -26.91 -3.88 0.50
CA ALA A 39 -27.18 -4.57 -0.76
C ALA A 39 -26.14 -4.25 -1.84
N CYS A 40 -25.78 -2.98 -1.93
CA CYS A 40 -24.71 -2.54 -2.85
C CYS A 40 -23.38 -3.25 -2.57
N ASP A 41 -23.02 -3.47 -1.28
CA ASP A 41 -21.83 -4.35 -0.94
C ASP A 41 -21.96 -5.76 -1.44
N ARG A 42 -23.09 -6.42 -1.13
CA ARG A 42 -23.21 -7.80 -1.55
C ARG A 42 -23.10 -7.94 -3.05
N GLN A 43 -23.59 -6.94 -3.78
CA GLN A 43 -23.58 -7.08 -5.24
C GLN A 43 -22.24 -6.77 -5.84
N TYR A 44 -21.55 -5.71 -5.38
CA TYR A 44 -20.38 -5.21 -6.13
C TYR A 44 -19.00 -5.26 -5.41
N VAL A 45 -19.01 -5.48 -4.10
CA VAL A 45 -17.76 -5.38 -3.30
C VAL A 45 -17.34 -6.80 -2.95
N CYS A 46 -16.10 -7.11 -3.26
CA CYS A 46 -15.52 -8.41 -2.86
C CYS A 46 -15.89 -8.70 -1.44
N GLN A 47 -16.49 -9.85 -1.15
CA GLN A 47 -17.17 -10.10 0.13
C GLN A 47 -16.26 -10.67 1.26
N ASN A 48 -15.05 -10.12 1.37
CA ASN A 48 -14.06 -10.60 2.35
C ASN A 48 -14.14 -9.94 3.73
N TYR A 49 -15.10 -9.08 3.96
CA TYR A 49 -15.42 -8.58 5.28
C TYR A 49 -16.85 -8.97 5.66
N ALA A 50 -17.04 -9.22 6.95
CA ALA A 50 -18.32 -9.58 7.47
C ALA A 50 -19.29 -8.40 7.33
N PRO A 51 -20.59 -8.68 7.49
CA PRO A 51 -21.58 -7.58 7.55
C PRO A 51 -21.30 -6.52 8.61
N VAL A 52 -21.74 -5.33 8.30
CA VAL A 52 -21.47 -4.18 9.13
C VAL A 52 -22.78 -3.66 9.71
N PRO A 53 -22.71 -2.99 10.88
CA PRO A 53 -23.90 -2.52 11.54
C PRO A 53 -24.29 -1.04 11.28
N VAL A 54 -23.53 -0.32 10.45
CA VAL A 54 -23.63 1.13 10.34
C VAL A 54 -23.14 1.59 8.99
N VAL A 55 -23.68 2.70 8.50
CA VAL A 55 -23.17 3.32 7.28
C VAL A 55 -22.74 4.72 7.65
N ILE A 56 -21.44 4.90 7.86
CA ILE A 56 -20.89 6.20 8.28
C ILE A 56 -20.78 7.15 7.10
N SER A 57 -21.14 8.43 7.31
CA SER A 57 -21.06 9.44 6.26
C SER A 57 -20.04 10.55 6.58
N LYS A 58 -19.84 10.87 7.84
CA LYS A 58 -18.87 11.86 8.22
C LYS A 58 -18.25 11.59 9.58
N GLY A 59 -17.09 12.18 9.79
CA GLY A 59 -16.32 12.01 10.99
C GLY A 59 -15.69 13.36 11.37
N LYS A 60 -15.69 13.66 12.66
CA LYS A 60 -14.98 14.81 13.24
C LYS A 60 -14.41 14.46 14.61
N GLY A 61 -13.09 14.47 14.76
CA GLY A 61 -12.48 14.13 16.07
C GLY A 61 -12.85 12.73 16.49
N ALA A 62 -13.37 12.57 17.71
CA ALA A 62 -13.75 11.24 18.22
C ALA A 62 -15.12 10.77 17.77
N ARG A 63 -15.83 11.57 16.98
CA ARG A 63 -17.23 11.26 16.66
C ARG A 63 -17.41 10.97 15.19
N VAL A 64 -18.37 10.10 14.90
CA VAL A 64 -18.85 9.92 13.53
C VAL A 64 -20.36 10.01 13.48
N TRP A 65 -20.86 10.28 12.27
CA TRP A 65 -22.30 10.25 12.03
C TRP A 65 -22.66 9.28 10.90
N ASP A 66 -23.77 8.55 11.09
CA ASP A 66 -24.27 7.70 10.01
C ASP A 66 -25.12 8.51 8.98
N ILE A 67 -25.60 7.82 7.95
CA ILE A 67 -26.37 8.48 6.88
C ILE A 67 -27.70 9.04 7.37
N ASN A 68 -28.19 8.60 8.53
CA ASN A 68 -29.44 9.18 9.10
C ASN A 68 -29.19 10.24 10.18
N GLY A 69 -27.96 10.69 10.27
CA GLY A 69 -27.54 11.71 11.22
C GLY A 69 -27.42 11.22 12.66
N ASN A 70 -27.42 9.91 12.92
CA ASN A 70 -27.14 9.44 14.29
C ASN A 70 -25.64 9.63 14.62
N GLU A 71 -25.35 10.15 15.81
CA GLU A 71 -23.95 10.41 16.27
C GLU A 71 -23.46 9.26 17.08
N TYR A 72 -22.18 8.91 16.91
CA TYR A 72 -21.50 7.88 17.73
C TYR A 72 -20.12 8.37 18.08
N TYR A 73 -19.59 7.82 19.17
CA TYR A 73 -18.16 7.81 19.37
C TYR A 73 -17.55 6.63 18.64
N ASP A 74 -16.47 6.91 17.90
CA ASP A 74 -15.75 5.84 17.16
C ASP A 74 -14.73 5.21 18.08
N PHE A 75 -15.00 4.02 18.55
CA PHE A 75 -14.09 3.30 19.48
C PHE A 75 -13.24 2.23 18.78
N LEU A 76 -13.10 2.34 17.45
CA LEU A 76 -12.18 1.54 16.68
C LEU A 76 -11.09 2.41 16.05
N ALA A 77 -11.45 3.54 15.47
CA ALA A 77 -10.51 4.54 15.01
C ALA A 77 -9.50 3.92 14.05
N GLY A 78 -9.98 3.07 13.13
CA GLY A 78 -9.06 2.48 12.15
C GLY A 78 -8.07 1.54 12.77
N VAL A 79 -8.46 0.94 13.90
CA VAL A 79 -7.59 0.17 14.80
C VAL A 79 -6.29 0.96 15.07
N SER A 80 -6.48 2.17 15.56
CA SER A 80 -5.41 3.12 15.85
C SER A 80 -4.75 3.75 14.65
N SER A 81 -5.52 3.99 13.59
CA SER A 81 -5.10 4.80 12.44
C SER A 81 -5.59 6.25 12.51
N LEU A 82 -6.58 6.52 13.39
CA LEU A 82 -7.19 7.84 13.54
C LEU A 82 -6.92 8.46 14.92
N SER A 83 -5.72 8.24 15.40
CA SER A 83 -5.38 8.79 16.73
C SER A 83 -5.54 10.30 16.86
N GLN A 84 -5.32 11.02 15.75
CA GLN A 84 -5.49 12.48 15.67
C GLN A 84 -6.93 12.92 15.46
N GLY A 85 -7.86 11.95 15.44
CA GLY A 85 -9.24 12.26 15.17
C GLY A 85 -9.56 12.20 13.69
N HIS A 86 -10.83 11.97 13.37
CA HIS A 86 -11.32 12.15 12.00
C HIS A 86 -11.17 13.58 11.54
N CYS A 87 -10.73 13.75 10.29
CA CYS A 87 -10.70 15.05 9.65
C CYS A 87 -10.07 16.19 10.52
N HIS A 88 -8.87 15.92 10.95
CA HIS A 88 -8.14 16.90 11.70
C HIS A 88 -7.77 18.09 10.82
N PRO A 89 -8.24 19.27 11.19
CA PRO A 89 -8.07 20.39 10.27
C PRO A 89 -6.66 20.68 9.79
N ARG A 90 -5.68 20.56 10.65
CA ARG A 90 -4.27 20.80 10.28
C ARG A 90 -3.85 19.76 9.25
N VAL A 91 -4.30 18.53 9.43
CA VAL A 91 -3.82 17.45 8.54
C VAL A 91 -4.51 17.60 7.17
N ILE A 92 -5.83 17.91 7.18
CA ILE A 92 -6.55 18.17 5.93
C ILE A 92 -5.96 19.41 5.18
N ALA A 93 -5.63 20.48 5.88
CA ALA A 93 -4.99 21.61 5.23
C ALA A 93 -3.65 21.23 4.65
N ALA A 94 -2.87 20.45 5.38
CA ALA A 94 -1.55 20.03 4.87
C ALA A 94 -1.70 19.21 3.60
N LEU A 95 -2.65 18.29 3.65
CA LEU A 95 -3.03 17.50 2.47
C LEU A 95 -3.41 18.35 1.28
N CYS A 96 -4.35 19.25 1.47
CA CYS A 96 -4.90 20.02 0.33
C CYS A 96 -3.85 21.01 -0.22
N ARG A 97 -3.09 21.62 0.66
CA ARG A 97 -2.04 22.53 0.17
C ARG A 97 -1.02 21.81 -0.68
N GLN A 98 -0.58 20.64 -0.20
CA GLN A 98 0.48 19.93 -0.91
C GLN A 98 -0.10 19.34 -2.22
N ALA A 99 -1.36 18.86 -2.14
CA ALA A 99 -2.02 18.35 -3.31
C ALA A 99 -2.19 19.32 -4.50
N GLU A 100 -2.27 20.62 -4.21
CA GLU A 100 -2.26 21.67 -5.23
C GLU A 100 -0.91 21.90 -5.87
N ARG A 101 0.15 21.37 -5.26
CA ARG A 101 1.51 21.62 -5.74
C ARG A 101 2.18 20.47 -6.45
N LEU A 102 2.08 19.30 -5.86
CA LEU A 102 2.85 18.08 -6.30
C LEU A 102 2.50 16.88 -5.44
N THR A 103 2.06 15.80 -6.05
CA THR A 103 1.70 14.62 -5.29
C THR A 103 2.65 13.42 -5.51
N LEU A 104 3.21 13.28 -6.70
CA LEU A 104 4.03 12.13 -7.07
C LEU A 104 5.14 12.48 -8.04
N THR A 105 6.35 12.05 -7.73
CA THR A 105 7.46 12.12 -8.63
C THR A 105 8.04 10.74 -8.96
N LEU A 106 7.76 9.74 -8.11
CA LEU A 106 8.60 8.53 -7.91
C LEU A 106 9.91 8.89 -7.21
N ARG A 107 10.52 7.88 -6.62
CA ARG A 107 11.88 8.06 -6.11
C ARG A 107 12.95 8.01 -7.21
N ALA A 108 12.53 7.79 -8.48
CA ALA A 108 13.38 7.99 -9.64
C ALA A 108 13.80 9.40 -9.85
N PHE A 109 13.01 10.35 -9.31
CA PHE A 109 13.36 11.78 -9.39
C PHE A 109 13.41 12.34 -7.98
N GLY A 110 14.16 13.42 -7.75
CA GLY A 110 14.08 14.06 -6.47
C GLY A 110 12.89 15.02 -6.37
N ASN A 111 12.58 15.41 -5.14
CA ASN A 111 11.58 16.43 -4.87
C ASN A 111 11.95 17.16 -3.63
N ASP A 112 11.22 18.21 -3.33
CA ASP A 112 11.50 19.06 -2.18
C ASP A 112 10.82 18.66 -0.86
N VAL A 113 10.22 17.47 -0.81
CA VAL A 113 9.51 17.00 0.39
C VAL A 113 10.03 15.71 1.04
N THR A 114 10.38 14.69 0.25
CA THR A 114 10.63 13.33 0.74
C THR A 114 11.83 13.31 1.68
N GLY A 115 12.96 13.93 1.27
CA GLY A 115 14.09 13.96 2.20
C GLY A 115 13.86 14.70 3.49
N PRO A 116 13.34 15.94 3.42
CA PRO A 116 12.98 16.63 4.66
C PRO A 116 12.03 15.81 5.56
N ALA A 117 11.06 15.13 4.97
CA ALA A 117 10.18 14.28 5.76
C ALA A 117 10.90 13.15 6.44
N CYS A 118 11.82 12.49 5.72
CA CYS A 118 12.59 11.43 6.33
C CYS A 118 13.53 11.98 7.39
N ARG A 119 14.18 13.12 7.17
CA ARG A 119 14.99 13.71 8.27
C ARG A 119 14.14 13.98 9.49
N PHE A 120 12.97 14.59 9.27
CA PHE A 120 12.00 14.78 10.37
C PHE A 120 11.74 13.54 11.20
N MET A 121 11.44 12.43 10.51
CA MET A 121 11.17 11.18 11.19
C MET A 121 12.41 10.58 11.85
N ALA A 122 13.52 10.61 11.14
CA ALA A 122 14.81 10.07 11.63
C ALA A 122 15.19 10.73 12.94
N GLU A 123 15.00 12.05 13.04
CA GLU A 123 15.26 12.76 14.30
C GLU A 123 14.23 12.49 15.33
N MET A 124 12.97 12.35 14.94
CA MET A 124 11.94 12.14 15.95
C MET A 124 12.12 10.78 16.59
N PHE A 125 12.50 9.77 15.80
CA PHE A 125 12.56 8.41 16.31
C PHE A 125 13.97 7.92 16.61
N GLY A 126 15.00 8.66 16.17
CA GLY A 126 16.37 8.33 16.47
C GLY A 126 16.96 7.22 15.64
N TYR A 127 16.71 7.25 14.33
CA TYR A 127 17.29 6.28 13.39
C TYR A 127 18.08 7.03 12.32
N ASP A 128 19.00 6.32 11.70
CA ASP A 128 19.84 6.84 10.64
C ASP A 128 19.09 6.95 9.30
N ARG A 129 18.29 5.94 8.96
CA ARG A 129 17.68 5.79 7.63
C ARG A 129 16.24 5.41 7.77
N VAL A 130 15.42 6.06 6.95
CA VAL A 130 13.97 5.85 6.93
C VAL A 130 13.58 5.32 5.54
N LEU A 131 12.90 4.17 5.49
CA LEU A 131 12.28 3.66 4.28
C LEU A 131 10.79 3.88 4.35
N LEU A 132 10.23 4.59 3.37
CA LEU A 132 8.79 4.88 3.38
C LEU A 132 8.11 3.98 2.37
N MET A 133 7.17 3.26 2.87
CA MET A 133 6.34 2.38 2.04
C MET A 133 4.88 2.81 2.20
N ASN A 134 3.89 1.98 1.81
CA ASN A 134 2.53 2.48 1.76
C ASN A 134 1.66 1.86 2.84
N THR A 135 1.70 0.56 2.97
CA THR A 135 0.85 -0.11 3.94
C THR A 135 1.69 -0.81 5.04
N GLY A 136 1.00 -1.24 6.08
CA GLY A 136 1.68 -1.98 7.18
C GLY A 136 2.27 -3.28 6.68
N ALA A 137 1.51 -3.98 5.82
CA ALA A 137 2.05 -5.22 5.23
C ALA A 137 3.35 -4.95 4.47
N GLU A 138 3.38 -3.87 3.69
CA GLU A 138 4.56 -3.58 2.95
C GLU A 138 5.77 -3.25 3.88
N ALA A 139 5.48 -2.60 4.99
CA ALA A 139 6.56 -2.30 5.97
C ALA A 139 7.10 -3.63 6.52
N GLY A 140 6.22 -4.58 6.88
CA GLY A 140 6.69 -5.87 7.30
C GLY A 140 7.47 -6.63 6.23
N GLU A 141 6.99 -6.67 4.98
CA GLU A 141 7.72 -7.29 3.90
C GLU A 141 9.14 -6.71 3.78
N SER A 142 9.15 -5.39 3.85
CA SER A 142 10.40 -4.67 3.67
C SER A 142 11.41 -5.01 4.76
N ALA A 143 10.94 -5.03 6.00
CA ALA A 143 11.78 -5.36 7.17
C ALA A 143 12.29 -6.77 7.05
N LEU A 144 11.43 -7.72 6.66
CA LEU A 144 11.91 -9.08 6.48
C LEU A 144 12.98 -9.22 5.39
N LYS A 145 12.82 -8.50 4.28
CA LYS A 145 13.79 -8.46 3.23
C LYS A 145 15.11 -7.90 3.73
N ILE A 146 15.02 -6.81 4.47
CA ILE A 146 16.23 -6.16 5.04
C ILE A 146 16.95 -7.14 5.98
N ALA A 147 16.21 -7.76 6.88
CA ALA A 147 16.82 -8.66 7.84
C ALA A 147 17.45 -9.89 7.15
N ARG A 148 16.78 -10.43 6.13
CA ARG A 148 17.35 -11.56 5.40
C ARG A 148 18.62 -11.18 4.66
N LYS A 149 18.57 -10.10 3.93
CA LYS A 149 19.73 -9.68 3.14
C LYS A 149 20.93 -9.32 4.07
N TRP A 150 20.63 -8.62 5.16
CA TRP A 150 21.64 -8.32 6.21
C TRP A 150 22.24 -9.62 6.80
N ALA A 151 21.39 -10.60 7.07
CA ALA A 151 21.85 -11.89 7.59
C ALA A 151 22.76 -12.59 6.57
N TYR A 152 22.39 -12.55 5.29
CA TYR A 152 23.27 -13.19 4.29
C TYR A 152 24.59 -12.46 4.16
N GLU A 153 24.51 -11.13 4.19
CA GLU A 153 25.63 -10.30 3.74
C GLU A 153 26.56 -9.88 4.83
N VAL A 154 26.04 -9.74 6.03
CA VAL A 154 26.83 -9.28 7.19
C VAL A 154 27.07 -10.40 8.18
N LYS A 155 26.02 -11.08 8.58
CA LYS A 155 26.17 -12.29 9.40
C LYS A 155 26.80 -13.47 8.64
N GLU A 156 26.70 -13.47 7.32
CA GLU A 156 27.26 -14.54 6.47
C GLU A 156 26.65 -15.90 6.74
N ILE A 157 25.37 -15.92 7.05
CA ILE A 157 24.72 -17.21 7.15
C ILE A 157 24.60 -17.87 5.78
N PRO A 158 24.48 -19.19 5.77
CA PRO A 158 24.42 -19.85 4.50
C PRO A 158 23.25 -19.46 3.59
N PRO A 159 23.48 -19.44 2.27
CA PRO A 159 22.45 -19.11 1.29
C PRO A 159 21.11 -19.80 1.56
N ASP A 160 20.02 -19.02 1.50
N ASP A 160 19.99 -19.08 1.52
CA ASP A 160 18.62 -19.44 1.70
CA ASP A 160 18.66 -19.71 1.65
C ASP A 160 18.30 -20.10 3.07
C ASP A 160 18.28 -20.11 3.09
N SER A 161 19.19 -19.99 4.06
CA SER A 161 18.99 -20.54 5.40
C SER A 161 18.39 -19.56 6.40
N ALA A 162 18.18 -18.28 6.03
CA ALA A 162 17.72 -17.30 7.02
C ALA A 162 16.37 -17.72 7.63
N LYS A 163 16.28 -17.63 8.96
CA LYS A 163 15.08 -17.84 9.71
C LYS A 163 14.66 -16.56 10.44
N VAL A 164 13.35 -16.36 10.56
CA VAL A 164 12.80 -15.25 11.32
C VAL A 164 11.86 -15.87 12.33
N ILE A 165 12.07 -15.52 13.60
CA ILE A 165 11.20 -15.98 14.66
C ILE A 165 10.06 -14.99 14.79
N LEU A 166 8.84 -15.51 14.87
CA LEU A 166 7.73 -14.67 15.32
C LEU A 166 6.77 -15.40 16.24
N CYS A 167 5.73 -14.69 16.69
CA CYS A 167 4.85 -15.23 17.72
C CYS A 167 3.51 -15.73 17.23
N ASN A 168 2.99 -16.73 17.94
CA ASN A 168 1.66 -17.25 17.66
C ASN A 168 0.66 -16.12 17.85
N ASN A 169 -0.36 -16.09 17.00
CA ASN A 169 -1.39 -15.03 16.97
C ASN A 169 -0.88 -13.65 16.51
N ASN A 170 0.32 -13.60 15.95
CA ASN A 170 0.79 -12.40 15.31
C ASN A 170 -0.09 -11.97 14.16
N TYR A 171 -0.05 -10.68 13.90
CA TYR A 171 -0.67 -10.15 12.70
C TYR A 171 0.24 -9.06 12.15
N TRP A 172 0.58 -9.18 10.90
CA TRP A 172 1.35 -8.12 10.19
C TRP A 172 0.84 -7.86 8.79
N GLY A 173 -0.26 -8.46 8.39
CA GLY A 173 -0.71 -8.22 7.06
C GLY A 173 -1.23 -9.43 6.35
N ARG A 174 -1.51 -9.21 5.07
CA ARG A 174 -2.26 -10.18 4.26
C ARG A 174 -1.56 -10.61 2.98
N THR A 175 -0.30 -10.22 2.80
CA THR A 175 0.49 -10.81 1.72
C THR A 175 0.68 -12.31 1.93
N ILE A 176 1.06 -13.01 0.88
CA ILE A 176 1.29 -14.48 0.98
C ILE A 176 2.37 -14.78 2.04
N THR A 177 3.42 -13.98 2.08
CA THR A 177 4.41 -14.20 3.07
C THR A 177 3.89 -13.96 4.48
N ALA A 178 2.99 -13.02 4.68
CA ALA A 178 2.38 -12.82 5.97
C ALA A 178 1.50 -14.03 6.27
N CYS A 179 0.75 -14.50 5.30
CA CYS A 179 -0.13 -15.67 5.55
C CYS A 179 0.73 -16.89 5.93
N SER A 180 1.90 -16.99 5.32
CA SER A 180 2.86 -18.05 5.54
C SER A 180 3.47 -18.05 6.94
N SER A 181 3.32 -16.95 7.68
CA SER A 181 3.88 -16.86 9.04
C SER A 181 2.84 -16.59 10.09
N SER A 182 1.58 -16.90 9.76
CA SER A 182 0.40 -16.73 10.61
C SER A 182 0.08 -18.06 11.23
N THR A 183 -0.53 -18.00 12.40
CA THR A 183 -1.14 -19.17 13.03
C THR A 183 -2.66 -19.08 13.06
N THR A 184 -3.22 -18.13 12.32
CA THR A 184 -4.66 -17.95 12.29
C THR A 184 -5.27 -18.65 11.07
N PHE A 185 -6.12 -19.66 11.29
CA PHE A 185 -6.56 -20.54 10.21
C PHE A 185 -7.07 -19.77 9.00
N ASP A 186 -7.98 -18.81 9.21
CA ASP A 186 -8.55 -18.12 8.06
C ASP A 186 -7.57 -17.21 7.36
N CYS A 187 -6.50 -16.81 8.03
N CYS A 187 -6.51 -16.81 8.05
CA CYS A 187 -5.46 -16.06 7.36
CA CYS A 187 -5.48 -16.02 7.44
C CYS A 187 -4.68 -16.88 6.35
C CYS A 187 -4.61 -16.84 6.44
N TYR A 188 -4.36 -18.13 6.69
CA TYR A 188 -3.51 -18.93 5.80
C TYR A 188 -4.23 -19.98 4.99
N ASN A 189 -5.40 -20.47 5.42
CA ASN A 189 -5.97 -21.65 4.80
C ASN A 189 -6.18 -21.44 3.28
N ASN A 190 -5.72 -22.43 2.53
CA ASN A 190 -5.89 -22.51 1.07
C ASN A 190 -5.20 -21.41 0.29
N PHE A 191 -4.20 -20.79 0.91
CA PHE A 191 -3.42 -19.80 0.25
C PHE A 191 -1.98 -20.22 -0.04
N GLY A 192 -1.63 -21.46 0.26
CA GLY A 192 -0.24 -21.95 -0.01
C GLY A 192 0.01 -22.37 -1.45
N PRO A 193 1.22 -22.81 -1.78
CA PRO A 193 2.28 -23.13 -0.85
C PRO A 193 2.97 -21.87 -0.28
N PHE A 194 3.58 -22.06 0.87
CA PHE A 194 3.94 -20.97 1.73
C PHE A 194 5.41 -20.64 1.64
N THR A 195 5.68 -19.39 1.93
CA THR A 195 7.07 -18.92 2.04
C THR A 195 7.74 -19.66 3.23
N PRO A 196 8.89 -20.32 3.03
CA PRO A 196 9.57 -20.93 4.15
C PRO A 196 10.31 -19.92 4.98
N GLY A 197 10.87 -20.39 6.08
CA GLY A 197 11.86 -19.64 6.86
C GLY A 197 11.35 -18.98 8.12
N PHE A 198 10.24 -19.47 8.68
CA PHE A 198 9.66 -18.93 9.89
C PHE A 198 9.62 -19.95 11.02
N GLU A 199 9.89 -19.45 12.23
CA GLU A 199 9.80 -20.29 13.42
C GLU A 199 8.79 -19.61 14.27
N LEU A 200 7.68 -20.32 14.60
CA LEU A 200 6.67 -19.72 15.46
C LEU A 200 6.86 -20.12 16.93
N ILE A 201 6.78 -19.15 17.84
CA ILE A 201 6.80 -19.41 19.31
C ILE A 201 5.64 -18.67 20.03
N ASP A 202 5.26 -19.15 21.22
CA ASP A 202 4.32 -18.45 22.05
C ASP A 202 4.79 -17.02 22.24
N TYR A 203 3.83 -16.11 22.20
CA TYR A 203 4.01 -14.75 22.68
C TYR A 203 4.32 -14.74 24.17
N ASP A 204 5.01 -13.69 24.66
CA ASP A 204 5.12 -13.45 26.09
C ASP A 204 5.79 -14.64 26.77
N ASP A 205 6.84 -15.15 26.15
CA ASP A 205 7.51 -16.33 26.62
C ASP A 205 8.98 -16.24 26.29
N VAL A 206 9.74 -15.74 27.26
CA VAL A 206 11.16 -15.52 27.10
C VAL A 206 11.93 -16.85 26.93
N GLY A 207 11.49 -17.90 27.62
CA GLY A 207 12.20 -19.19 27.58
C GLY A 207 12.11 -19.79 26.15
N ALA A 208 10.95 -19.66 25.54
CA ALA A 208 10.75 -20.14 24.18
C ALA A 208 11.59 -19.38 23.15
N LEU A 209 11.69 -18.06 23.36
CA LEU A 209 12.55 -17.21 22.54
C LEU A 209 14.02 -17.65 22.70
N GLU A 210 14.49 -17.81 23.93
CA GLU A 210 15.84 -18.26 24.14
C GLU A 210 16.17 -19.58 23.45
N GLU A 211 15.25 -20.54 23.51
CA GLU A 211 15.43 -21.83 22.80
C GLU A 211 15.52 -21.65 21.28
N ALA A 212 14.65 -20.82 20.71
CA ALA A 212 14.65 -20.62 19.29
C ALA A 212 15.88 -19.84 18.81
N LEU A 213 16.44 -19.02 19.69
CA LEU A 213 17.63 -18.28 19.37
C LEU A 213 18.92 -19.16 19.37
N LYS A 214 18.84 -20.43 19.75
CA LYS A 214 19.94 -21.38 19.55
C LYS A 214 20.29 -21.66 18.07
N ASP A 215 19.34 -21.45 17.17
CA ASP A 215 19.59 -21.65 15.76
C ASP A 215 20.40 -20.50 15.20
N PRO A 216 21.64 -20.75 14.80
CA PRO A 216 22.49 -19.66 14.37
C PRO A 216 22.08 -19.05 13.00
N ASN A 217 21.14 -19.65 12.28
CA ASN A 217 20.66 -19.06 11.06
C ASN A 217 19.51 -18.06 11.26
N VAL A 218 19.19 -17.74 12.51
CA VAL A 218 18.18 -16.71 12.79
C VAL A 218 18.69 -15.33 12.42
N ALA A 219 17.93 -14.65 11.58
CA ALA A 219 18.20 -13.26 11.22
C ALA A 219 17.59 -12.25 12.19
N ALA A 220 16.37 -12.52 12.62
CA ALA A 220 15.59 -11.56 13.37
C ALA A 220 14.53 -12.23 14.22
N PHE A 221 14.08 -11.48 15.23
CA PHE A 221 12.88 -11.80 15.96
C PHE A 221 11.90 -10.65 15.72
N PHE A 222 10.69 -11.00 15.30
CA PHE A 222 9.74 -10.05 14.77
C PHE A 222 8.57 -10.12 15.71
N VAL A 223 8.28 -9.00 16.39
CA VAL A 223 7.34 -9.00 17.49
C VAL A 223 6.53 -7.70 17.62
N GLU A 224 5.34 -7.84 18.19
CA GLU A 224 4.48 -6.72 18.57
C GLU A 224 4.65 -6.40 20.07
N PRO A 225 4.77 -5.11 20.49
CA PRO A 225 4.95 -4.86 21.96
C PRO A 225 3.72 -5.23 22.81
N ILE A 226 2.56 -5.15 22.16
CA ILE A 226 1.28 -5.67 22.63
C ILE A 226 0.67 -6.26 21.36
N GLN A 227 0.22 -7.52 21.39
CA GLN A 227 -0.35 -8.06 20.18
C GLN A 227 -1.68 -7.40 19.91
N GLY A 228 -1.87 -6.94 18.67
CA GLY A 228 -3.00 -6.10 18.31
C GLY A 228 -4.23 -6.90 17.93
N GLU A 229 -4.26 -7.39 16.71
CA GLU A 229 -5.36 -8.26 16.24
C GLU A 229 -5.45 -9.52 17.05
N GLY A 230 -4.32 -9.94 17.63
CA GLY A 230 -4.30 -11.10 18.53
C GLY A 230 -5.13 -10.99 19.77
N GLY A 231 -5.56 -9.77 20.14
CA GLY A 231 -6.45 -9.55 21.30
C GLY A 231 -6.01 -8.54 22.34
N VAL A 232 -5.18 -7.56 21.97
CA VAL A 232 -4.61 -6.63 22.95
C VAL A 232 -3.92 -7.43 24.07
N ASN A 233 -2.99 -8.30 23.64
CA ASN A 233 -2.23 -9.13 24.56
C ASN A 233 -1.04 -8.34 25.07
N VAL A 234 -1.14 -7.92 26.33
CA VAL A 234 -0.09 -7.19 26.96
C VAL A 234 0.81 -8.20 27.63
N PRO A 235 2.08 -8.26 27.21
CA PRO A 235 3.02 -9.20 27.86
C PRO A 235 3.41 -8.79 29.30
N LYS A 236 4.06 -9.72 30.00
CA LYS A 236 4.48 -9.49 31.38
C LYS A 236 5.53 -8.37 31.39
N PRO A 237 5.65 -7.68 32.55
CA PRO A 237 6.70 -6.66 32.70
C PRO A 237 8.08 -7.18 32.28
N GLY A 238 8.81 -6.34 31.53
CA GLY A 238 10.14 -6.67 31.06
C GLY A 238 10.26 -7.62 29.85
N TYR A 239 9.15 -8.09 29.28
CA TYR A 239 9.18 -9.06 28.17
C TYR A 239 10.10 -8.56 27.02
N LEU A 240 9.81 -7.36 26.55
CA LEU A 240 10.51 -6.82 25.42
C LEU A 240 11.97 -6.47 25.76
N LYS A 241 12.20 -5.88 26.92
CA LYS A 241 13.60 -5.64 27.43
C LYS A 241 14.42 -6.92 27.43
N ARG A 242 13.85 -7.99 28.01
CA ARG A 242 14.54 -9.25 28.10
C ARG A 242 14.76 -9.86 26.71
N ALA A 243 13.75 -9.81 25.87
CA ALA A 243 13.88 -10.34 24.50
C ALA A 243 15.02 -9.60 23.76
N HIS A 244 15.13 -8.28 23.95
CA HIS A 244 16.17 -7.58 23.18
C HIS A 244 17.58 -8.04 23.58
N GLU A 245 17.81 -8.21 24.89
CA GLU A 245 19.11 -8.71 25.38
C GLU A 245 19.43 -10.09 24.82
N LEU A 246 18.45 -11.00 24.77
CA LEU A 246 18.69 -12.32 24.18
C LEU A 246 19.07 -12.25 22.69
N CYS A 247 18.36 -11.40 21.96
CA CYS A 247 18.65 -11.20 20.58
C CYS A 247 20.05 -10.60 20.38
N ARG A 248 20.38 -9.59 21.17
CA ARG A 248 21.73 -9.01 21.04
C ARG A 248 22.79 -10.01 21.31
N SER A 249 22.57 -10.89 22.28
CA SER A 249 23.52 -11.95 22.62
C SER A 249 23.90 -12.83 21.44
N LYS A 250 22.95 -13.00 20.51
CA LYS A 250 23.11 -13.85 19.34
C LYS A 250 23.26 -13.09 18.05
N ASN A 251 23.42 -11.77 18.10
CA ASN A 251 23.53 -10.91 16.90
C ASN A 251 22.32 -11.16 16.00
N VAL A 252 21.15 -11.08 16.63
CA VAL A 252 19.87 -11.22 15.94
C VAL A 252 19.13 -9.89 16.04
N LEU A 253 18.54 -9.46 14.94
CA LEU A 253 17.84 -8.19 14.90
C LEU A 253 16.52 -8.29 15.62
N LEU A 254 16.19 -7.24 16.39
CA LEU A 254 14.86 -7.13 16.99
C LEU A 254 14.03 -6.19 16.14
N ILE A 255 13.05 -6.76 15.43
CA ILE A 255 12.12 -6.01 14.57
C ILE A 255 10.87 -5.83 15.39
N VAL A 256 10.56 -4.57 15.72
CA VAL A 256 9.41 -4.26 16.51
C VAL A 256 8.33 -3.56 15.67
N ASP A 257 7.18 -4.21 15.60
CA ASP A 257 6.05 -3.75 14.84
C ASP A 257 5.21 -2.86 15.70
N GLU A 258 5.35 -1.54 15.48
CA GLU A 258 4.59 -0.49 16.15
C GLU A 258 3.51 0.14 15.25
N ILE A 259 3.06 -0.63 14.27
CA ILE A 259 2.02 -0.15 13.35
C ILE A 259 0.72 0.16 14.08
N GLN A 260 0.34 -0.70 15.03
CA GLN A 260 -0.86 -0.49 15.84
C GLN A 260 -0.57 0.16 17.23
N THR A 261 0.58 -0.13 17.85
CA THR A 261 0.86 0.30 19.16
C THR A 261 1.62 1.60 19.23
N GLY A 262 2.16 2.06 18.13
CA GLY A 262 3.06 3.21 18.14
C GLY A 262 2.34 4.51 18.24
N LEU A 263 3.12 5.58 18.22
CA LEU A 263 2.56 6.94 18.01
C LEU A 263 1.57 7.31 19.06
N CYS A 264 1.99 7.15 20.31
CA CYS A 264 1.25 7.76 21.46
C CYS A 264 0.08 6.93 21.96
N ARG A 265 -0.33 5.93 21.21
CA ARG A 265 -1.51 5.15 21.54
C ARG A 265 -1.51 4.53 22.96
N THR A 266 -0.36 3.98 23.36
CA THR A 266 -0.19 3.34 24.68
C THR A 266 0.28 4.31 25.79
N GLY A 267 0.36 5.61 25.49
CA GLY A 267 0.78 6.57 26.53
C GLY A 267 2.24 7.00 26.47
N ARG A 268 2.97 6.42 25.51
CA ARG A 268 4.33 6.75 25.16
C ARG A 268 4.44 6.86 23.62
N LEU A 269 5.45 7.58 23.15
CA LEU A 269 5.62 7.74 21.72
C LEU A 269 5.65 6.41 21.02
N LEU A 270 6.48 5.48 21.52
CA LEU A 270 6.45 4.07 21.10
C LEU A 270 6.09 3.18 22.26
N ALA A 271 5.32 2.13 22.00
CA ALA A 271 5.06 1.15 23.05
C ALA A 271 6.34 0.52 23.64
N ALA A 272 7.35 0.37 22.79
CA ALA A 272 8.65 -0.14 23.17
C ALA A 272 9.29 0.72 24.27
N ASP A 273 8.86 1.99 24.37
CA ASP A 273 9.40 2.91 25.38
C ASP A 273 9.08 2.46 26.83
N HIS A 274 7.98 1.71 27.00
N HIS A 274 8.00 1.70 27.02
CA HIS A 274 7.61 1.15 28.29
CA HIS A 274 7.69 1.15 28.35
C HIS A 274 8.68 0.18 28.86
C HIS A 274 8.84 0.29 28.90
N ASP A 275 9.56 -0.35 27.98
CA ASP A 275 10.69 -1.22 28.32
C ASP A 275 12.05 -0.55 28.01
N GLU A 276 12.05 0.73 27.66
CA GLU A 276 13.27 1.39 27.21
C GLU A 276 14.00 0.59 26.10
N VAL A 277 13.23 0.08 25.15
CA VAL A 277 13.77 -0.66 24.01
C VAL A 277 13.78 0.27 22.79
N HIS A 278 14.95 0.41 22.15
CA HIS A 278 15.05 1.07 20.86
C HIS A 278 15.11 -0.06 19.85
N PRO A 279 14.01 -0.30 19.08
CA PRO A 279 14.03 -1.43 18.15
C PRO A 279 15.22 -1.37 17.20
N ASP A 280 15.78 -2.55 16.79
CA ASP A 280 16.79 -2.51 15.76
C ASP A 280 16.18 -2.08 14.43
N ILE A 281 14.98 -2.59 14.15
CA ILE A 281 14.19 -2.10 13.02
C ILE A 281 12.79 -1.80 13.58
N LEU A 282 12.34 -0.59 13.32
CA LEU A 282 11.04 -0.09 13.78
C LEU A 282 10.08 -0.03 12.58
N LEU A 283 8.89 -0.56 12.78
CA LEU A 283 7.79 -0.34 11.82
C LEU A 283 6.73 0.60 12.37
N LEU A 284 6.35 1.59 11.55
CA LEU A 284 5.18 2.48 11.79
C LEU A 284 4.24 2.44 10.61
N GLY A 285 2.95 2.76 10.88
CA GLY A 285 1.97 2.93 9.80
C GLY A 285 0.78 3.60 10.39
N LYS A 286 -0.40 3.18 9.93
CA LYS A 286 -1.65 3.63 10.49
C LYS A 286 -1.70 5.16 10.80
N SER A 287 -1.59 5.57 12.07
CA SER A 287 -1.77 6.96 12.48
C SER A 287 -0.58 7.81 12.05
N LEU A 288 0.43 7.19 11.43
CA LEU A 288 1.50 8.00 10.79
C LEU A 288 0.92 9.03 9.81
N SER A 289 -0.22 8.73 9.22
CA SER A 289 -0.93 9.67 8.33
C SER A 289 -2.20 10.26 8.90
N ALA A 290 -2.48 9.94 10.19
CA ALA A 290 -3.77 10.35 10.83
C ALA A 290 -4.96 9.73 10.06
N GLY A 291 -4.74 8.59 9.44
CA GLY A 291 -5.81 7.91 8.70
C GLY A 291 -6.20 8.52 7.36
N VAL A 292 -5.41 9.45 6.82
CA VAL A 292 -5.80 10.21 5.65
C VAL A 292 -5.35 9.52 4.36
N VAL A 293 -4.15 8.99 4.35
CA VAL A 293 -3.63 8.29 3.18
C VAL A 293 -2.70 7.18 3.70
N PRO A 294 -2.54 6.09 2.95
CA PRO A 294 -1.64 5.05 3.43
C PRO A 294 -0.15 5.40 3.31
N ILE A 295 0.55 5.46 4.43
CA ILE A 295 2.02 5.61 4.45
C ILE A 295 2.54 4.85 5.61
N SER A 296 3.62 4.11 5.41
CA SER A 296 4.20 3.27 6.45
C SER A 296 5.69 3.55 6.42
N ALA A 297 6.41 3.13 7.48
CA ALA A 297 7.84 3.45 7.57
C ALA A 297 8.55 2.29 8.20
N VAL A 298 9.75 2.07 7.72
CA VAL A 298 10.71 1.09 8.28
C VAL A 298 11.96 1.89 8.59
N MET A 299 12.41 1.82 9.82
CA MET A 299 13.59 2.62 10.22
C MET A 299 14.62 1.76 10.89
N GLY A 300 15.87 2.16 10.72
CA GLY A 300 16.97 1.36 11.22
C GLY A 300 18.28 2.07 11.17
N ARG A 301 19.27 1.50 11.85
CA ARG A 301 20.66 1.98 11.70
C ARG A 301 21.25 1.77 10.31
N ALA A 302 22.22 2.61 9.95
CA ALA A 302 22.78 2.60 8.65
C ALA A 302 23.34 1.26 8.21
N ASP A 303 24.07 0.57 9.08
CA ASP A 303 24.70 -0.68 8.63
C ASP A 303 23.75 -1.87 8.45
N VAL A 304 22.49 -1.70 8.84
CA VAL A 304 21.40 -2.62 8.53
C VAL A 304 20.62 -2.13 7.26
N MET A 305 20.08 -0.92 7.33
CA MET A 305 19.29 -0.43 6.24
C MET A 305 20.03 -0.29 4.91
N ASP A 306 21.33 -0.02 4.95
CA ASP A 306 22.09 0.20 3.73
C ASP A 306 22.31 -1.07 2.90
N VAL A 307 21.85 -2.24 3.38
CA VAL A 307 21.90 -3.44 2.51
C VAL A 307 20.89 -3.30 1.36
N LEU A 308 19.86 -2.46 1.50
CA LEU A 308 18.95 -2.16 0.40
C LEU A 308 19.57 -1.18 -0.60
N LYS A 309 20.38 -1.73 -1.49
CA LYS A 309 21.07 -0.97 -2.53
C LYS A 309 20.14 -0.58 -3.66
N PRO A 310 20.56 0.38 -4.51
CA PRO A 310 19.74 0.75 -5.67
C PRO A 310 19.27 -0.39 -6.51
N GLY A 311 17.96 -0.43 -6.76
CA GLY A 311 17.38 -1.47 -7.58
C GLY A 311 16.93 -2.73 -6.84
N THR A 312 17.30 -2.88 -5.55
CA THR A 312 17.00 -4.09 -4.76
C THR A 312 15.68 -4.00 -4.01
N HIS A 313 15.05 -2.83 -4.07
CA HIS A 313 13.73 -2.64 -3.43
C HIS A 313 13.12 -1.39 -4.07
N GLY A 314 11.82 -1.22 -3.93
CA GLY A 314 11.15 -0.08 -4.56
C GLY A 314 9.67 -0.06 -4.27
N SER A 315 8.99 0.93 -4.81
CA SER A 315 7.53 1.08 -4.61
C SER A 315 7.11 2.31 -5.39
N THR A 316 6.04 2.23 -6.14
CA THR A 316 5.61 3.36 -6.96
C THR A 316 5.26 4.56 -6.03
N PHE A 317 4.40 4.31 -5.06
CA PHE A 317 3.90 5.41 -4.21
C PHE A 317 4.70 5.63 -2.92
N GLY A 318 5.66 4.74 -2.59
CA GLY A 318 6.34 4.87 -1.32
C GLY A 318 7.12 6.22 -1.29
N GLY A 319 6.93 7.01 -0.23
CA GLY A 319 7.64 8.32 -0.10
C GLY A 319 7.12 9.42 -1.01
N ASN A 320 5.93 9.24 -1.58
CA ASN A 320 5.34 10.27 -2.41
C ASN A 320 5.20 11.56 -1.60
N PRO A 321 5.41 12.73 -2.24
CA PRO A 321 5.35 13.99 -1.47
C PRO A 321 4.06 14.32 -0.80
N LEU A 322 2.95 13.88 -1.34
CA LEU A 322 1.67 14.17 -0.67
C LEU A 322 1.62 13.48 0.69
N ALA A 323 1.89 12.19 0.75
CA ALA A 323 1.84 11.40 1.96
C ALA A 323 2.91 11.89 2.90
N CYS A 324 4.07 12.29 2.40
CA CYS A 324 5.11 12.87 3.28
C CYS A 324 4.61 14.11 4.00
N ALA A 325 4.03 15.05 3.25
CA ALA A 325 3.47 16.29 3.85
C ALA A 325 2.43 15.95 4.91
N VAL A 326 1.55 15.00 4.60
CA VAL A 326 0.59 14.54 5.54
C VAL A 326 1.22 13.99 6.80
N ALA A 327 2.21 13.12 6.64
CA ALA A 327 2.77 12.45 7.77
C ALA A 327 3.47 13.43 8.69
N VAL A 328 4.18 14.40 8.14
CA VAL A 328 4.89 15.36 8.97
C VAL A 328 3.87 16.13 9.83
N GLU A 329 2.78 16.56 9.23
CA GLU A 329 1.74 17.26 9.97
C GLU A 329 1.08 16.33 11.03
N ALA A 330 0.78 15.09 10.63
CA ALA A 330 0.14 14.13 11.56
C ALA A 330 1.04 13.83 12.78
N LEU A 331 2.32 13.72 12.55
CA LEU A 331 3.25 13.44 13.64
C LEU A 331 3.44 14.69 14.52
N THR A 332 3.45 15.86 13.91
CA THR A 332 3.54 17.13 14.65
C THR A 332 2.31 17.34 15.54
N VAL A 333 1.14 16.92 15.07
CA VAL A 333 -0.08 17.01 15.88
C VAL A 333 0.05 16.15 17.14
N LEU A 334 0.53 14.92 16.98
CA LEU A 334 0.76 14.06 18.16
C LEU A 334 1.64 14.74 19.23
N LYS A 335 2.68 15.48 18.80
CA LYS A 335 3.52 16.17 19.73
C LYS A 335 2.86 17.40 20.32
N ASP A 336 2.35 18.27 19.44
CA ASP A 336 1.76 19.57 19.84
C ASP A 336 0.62 19.40 20.80
N GLU A 337 -0.22 18.41 20.54
CA GLU A 337 -1.40 18.17 21.37
C GLU A 337 -1.14 17.26 22.53
N LYS A 338 0.10 16.86 22.74
CA LYS A 338 0.48 16.07 23.89
C LYS A 338 -0.45 14.90 24.01
N LEU A 339 -0.61 14.19 22.91
CA LEU A 339 -1.51 13.02 22.88
C LEU A 339 -1.01 11.76 23.61
N ALA A 340 0.31 11.62 23.81
CA ALA A 340 0.79 10.53 24.68
C ALA A 340 0.31 10.74 26.14
N ASP A 341 0.47 11.99 26.61
CA ASP A 341 -0.01 12.29 27.99
C ASP A 341 -1.51 12.10 28.10
N ARG A 342 -2.21 12.53 27.06
N ARG A 342 -2.25 12.51 27.07
CA ARG A 342 -3.65 12.33 26.99
CA ARG A 342 -3.72 12.30 27.07
C ARG A 342 -4.04 10.87 27.09
C ARG A 342 -4.07 10.84 27.09
N ALA A 343 -3.37 10.03 26.28
CA ALA A 343 -3.64 8.59 26.26
C ALA A 343 -3.31 7.92 27.59
N GLU A 344 -2.18 8.26 28.20
CA GLU A 344 -1.81 7.72 29.52
C GLU A 344 -2.91 8.03 30.56
N ARG A 345 -3.26 9.30 30.61
CA ARG A 345 -4.16 9.80 31.67
C ARG A 345 -5.57 9.20 31.50
N LEU A 346 -6.16 9.39 30.32
CA LEU A 346 -7.54 8.89 30.06
C LEU A 346 -7.64 7.38 30.12
N GLY A 347 -6.61 6.70 29.63
CA GLY A 347 -6.65 5.25 29.61
C GLY A 347 -6.54 4.63 30.98
N ALA A 348 -5.74 5.24 31.85
CA ALA A 348 -5.66 4.73 33.24
C ALA A 348 -7.03 4.95 33.92
N GLN A 349 -7.63 6.12 33.70
CA GLN A 349 -9.00 6.38 34.19
C GLN A 349 -10.01 5.35 33.66
N PHE A 350 -9.93 5.05 32.37
CA PHE A 350 -10.87 4.13 31.71
C PHE A 350 -10.78 2.78 32.39
N ARG A 351 -9.56 2.27 32.52
CA ARG A 351 -9.41 0.87 33.05
C ARG A 351 -9.82 0.82 34.51
N ASP A 352 -9.45 1.86 35.25
CA ASP A 352 -9.86 1.98 36.67
C ASP A 352 -11.37 1.98 36.81
N CYS A 353 -12.08 2.78 35.99
N CYS A 353 -12.04 2.77 35.97
CA CYS A 353 -13.57 2.81 36.07
CA CYS A 353 -13.50 2.84 36.03
C CYS A 353 -14.18 1.45 35.69
C CYS A 353 -14.18 1.51 35.66
N LEU A 354 -13.71 0.86 34.60
CA LEU A 354 -14.26 -0.44 34.18
C LEU A 354 -14.02 -1.50 35.24
N ARG A 355 -12.83 -1.54 35.82
CA ARG A 355 -12.54 -2.54 36.85
C ARG A 355 -13.45 -2.36 38.05
N ARG A 356 -13.54 -1.12 38.54
CA ARG A 356 -14.38 -0.84 39.71
C ARG A 356 -15.87 -1.17 39.52
N GLU A 357 -16.45 -0.88 38.35
CA GLU A 357 -17.88 -1.05 38.12
C GLU A 357 -18.25 -2.40 37.50
N LEU A 358 -17.28 -3.10 36.91
CA LEU A 358 -17.59 -4.31 36.13
C LEU A 358 -17.04 -5.61 36.70
N TYR A 359 -15.83 -5.58 37.24
CA TYR A 359 -15.36 -6.78 37.87
C TYR A 359 -16.27 -7.14 39.05
N GLY A 360 -16.48 -8.42 39.26
CA GLY A 360 -17.33 -8.91 40.37
C GLY A 360 -18.78 -8.90 39.94
N LYS A 361 -19.29 -7.71 39.63
CA LYS A 361 -20.67 -7.50 39.13
C LYS A 361 -20.96 -8.21 37.83
N VAL A 362 -20.01 -8.25 36.91
CA VAL A 362 -20.24 -8.90 35.62
C VAL A 362 -19.35 -10.13 35.45
N PRO A 363 -19.85 -11.31 35.82
CA PRO A 363 -18.95 -12.46 35.97
C PRO A 363 -18.35 -12.99 34.67
N TRP A 364 -18.96 -12.64 33.53
CA TRP A 364 -18.57 -13.18 32.25
C TRP A 364 -17.51 -12.31 31.56
N ILE A 365 -17.02 -11.28 32.25
CA ILE A 365 -15.81 -10.59 31.86
C ILE A 365 -14.61 -11.37 32.38
N LYS A 366 -13.73 -11.79 31.46
N LYS A 366 -13.75 -11.81 31.46
CA LYS A 366 -12.53 -12.55 31.81
CA LYS A 366 -12.55 -12.53 31.82
C LYS A 366 -11.37 -11.63 32.16
C LYS A 366 -11.45 -11.57 32.23
N GLU A 367 -11.23 -10.55 31.42
CA GLU A 367 -10.15 -9.59 31.70
C GLU A 367 -10.42 -8.24 31.08
N ILE A 368 -10.03 -7.19 31.83
CA ILE A 368 -9.92 -5.83 31.37
C ILE A 368 -8.42 -5.54 31.29
N ARG A 369 -7.92 -5.19 30.09
CA ARG A 369 -6.46 -5.00 29.91
C ARG A 369 -6.18 -3.97 28.85
N GLY A 370 -4.96 -3.42 28.97
CA GLY A 370 -4.42 -2.58 27.94
C GLY A 370 -3.39 -1.63 28.51
N ARG A 371 -2.93 -0.76 27.61
CA ARG A 371 -2.07 0.35 28.01
C ARG A 371 -2.56 1.58 27.28
N GLY A 372 -2.42 2.75 27.90
CA GLY A 372 -2.86 4.00 27.31
C GLY A 372 -4.30 3.85 26.87
N LEU A 373 -4.60 4.27 25.62
CA LEU A 373 -5.97 4.11 25.08
C LEU A 373 -6.06 2.94 24.09
N LEU A 374 -5.24 1.91 24.33
CA LEU A 374 -5.37 0.66 23.58
C LEU A 374 -5.89 -0.37 24.59
N ASN A 375 -7.22 -0.55 24.68
CA ASN A 375 -7.83 -1.29 25.79
C ASN A 375 -8.75 -2.32 25.26
N ALA A 376 -8.93 -3.36 26.03
CA ALA A 376 -9.79 -4.49 25.61
C ALA A 376 -10.53 -5.02 26.80
N VAL A 377 -11.70 -5.62 26.55
CA VAL A 377 -12.42 -6.37 27.59
C VAL A 377 -12.74 -7.71 26.96
N GLU A 378 -12.08 -8.77 27.41
CA GLU A 378 -12.31 -10.09 26.86
C GLU A 378 -13.43 -10.67 27.69
N VAL A 379 -14.40 -11.19 26.96
CA VAL A 379 -15.53 -11.89 27.57
C VAL A 379 -15.40 -13.39 27.36
N ASP A 380 -16.16 -14.12 28.16
CA ASP A 380 -16.19 -15.57 28.12
C ASP A 380 -17.34 -15.91 27.21
N SER A 381 -17.02 -16.40 26.01
CA SER A 381 -18.04 -16.65 24.97
C SER A 381 -18.88 -17.90 25.23
N ASP A 382 -18.52 -18.70 26.23
CA ASP A 382 -19.44 -19.74 26.69
C ASP A 382 -20.45 -19.28 27.74
N ALA A 383 -20.27 -18.07 28.30
CA ALA A 383 -21.26 -17.51 29.25
C ALA A 383 -22.12 -16.37 28.70
N ILE A 384 -21.78 -15.87 27.50
CA ILE A 384 -22.48 -14.72 26.92
C ILE A 384 -22.27 -14.75 25.41
N ASP A 385 -23.19 -14.16 24.66
CA ASP A 385 -22.96 -13.93 23.23
C ASP A 385 -22.22 -12.57 23.09
N PRO A 386 -20.96 -12.62 22.64
CA PRO A 386 -20.20 -11.34 22.59
C PRO A 386 -20.82 -10.26 21.73
N ASN A 387 -21.49 -10.68 20.67
CA ASN A 387 -22.21 -9.75 19.83
C ASN A 387 -23.32 -8.97 20.54
N ASP A 388 -23.98 -9.54 21.57
CA ASP A 388 -24.96 -8.75 22.34
C ASP A 388 -24.29 -7.47 22.95
N VAL A 389 -23.02 -7.63 23.34
CA VAL A 389 -22.23 -6.54 23.93
C VAL A 389 -22.01 -5.51 22.81
N VAL A 390 -21.64 -5.97 21.63
CA VAL A 390 -21.35 -5.05 20.48
C VAL A 390 -22.60 -4.25 20.11
N MET A 391 -23.73 -4.93 20.02
CA MET A 391 -25.00 -4.27 19.67
C MET A 391 -25.48 -3.30 20.75
N LYS A 392 -25.33 -3.70 22.02
CA LYS A 392 -25.72 -2.82 23.12
C LYS A 392 -24.84 -1.58 23.13
N LEU A 393 -23.56 -1.76 22.90
CA LEU A 393 -22.65 -0.58 22.78
C LEU A 393 -23.14 0.37 21.74
N LYS A 394 -23.51 -0.16 20.57
CA LYS A 394 -23.98 0.69 19.49
C LYS A 394 -25.26 1.44 19.88
N GLU A 395 -26.21 0.74 20.54
CA GLU A 395 -27.45 1.37 20.98
C GLU A 395 -27.15 2.58 21.91
N ASN A 396 -26.05 2.47 22.68
CA ASN A 396 -25.62 3.59 23.55
C ASN A 396 -24.64 4.55 22.93
N GLY A 397 -24.52 4.48 21.61
CA GLY A 397 -23.72 5.45 20.84
C GLY A 397 -22.22 5.14 20.74
N ILE A 398 -21.83 3.89 20.94
CA ILE A 398 -20.42 3.47 20.95
C ILE A 398 -20.21 2.47 19.79
N LEU A 399 -19.42 2.87 18.77
CA LEU A 399 -19.06 1.95 17.72
C LEU A 399 -17.72 1.25 18.01
N SER A 400 -17.72 -0.08 17.97
N SER A 400 -17.75 -0.07 17.91
CA SER A 400 -16.62 -0.89 18.53
CA SER A 400 -16.63 -0.86 18.30
C SER A 400 -16.68 -2.20 17.78
C SER A 400 -16.67 -2.07 17.41
N LYS A 401 -15.52 -2.72 17.29
CA LYS A 401 -15.43 -4.01 16.59
C LYS A 401 -14.51 -4.96 17.33
N PRO A 402 -14.99 -6.12 17.73
CA PRO A 402 -14.10 -7.02 18.50
C PRO A 402 -13.09 -7.67 17.62
N THR A 403 -12.14 -8.39 18.24
CA THR A 403 -11.26 -9.27 17.52
C THR A 403 -11.38 -10.63 18.13
N ARG A 404 -11.15 -11.68 17.32
CA ARG A 404 -11.36 -13.05 17.76
C ARG A 404 -12.75 -13.33 18.38
N GLY A 405 -13.79 -12.61 17.95
CA GLY A 405 -15.17 -12.78 18.51
C GLY A 405 -15.37 -12.16 19.90
N ARG A 406 -14.52 -12.57 20.86
CA ARG A 406 -14.74 -12.37 22.28
C ARG A 406 -13.95 -11.21 22.90
N VAL A 407 -13.02 -10.63 22.13
CA VAL A 407 -12.21 -9.54 22.68
C VAL A 407 -12.84 -8.21 22.25
N MET A 408 -13.58 -7.55 23.14
CA MET A 408 -14.13 -6.23 22.83
C MET A 408 -12.98 -5.23 22.84
N ARG A 409 -12.98 -4.31 21.89
CA ARG A 409 -11.89 -3.31 21.78
C ARG A 409 -12.35 -1.90 21.98
N PHE A 410 -11.53 -1.12 22.66
CA PHE A 410 -11.85 0.28 22.98
C PHE A 410 -10.64 1.08 22.62
N ILE A 411 -10.72 1.63 21.40
CA ILE A 411 -9.63 2.30 20.75
C ILE A 411 -10.15 3.62 20.15
N PRO A 412 -10.29 4.68 20.98
CA PRO A 412 -10.85 5.90 20.48
C PRO A 412 -9.76 6.79 19.95
N PRO A 413 -10.08 7.75 19.09
CA PRO A 413 -9.06 8.76 18.87
C PRO A 413 -8.49 9.40 20.15
N LEU A 414 -7.18 9.61 20.18
CA LEU A 414 -6.54 10.18 21.37
C LEU A 414 -6.97 11.63 21.67
N VAL A 415 -7.43 12.33 20.66
CA VAL A 415 -8.04 13.68 20.78
C VAL A 415 -9.36 13.76 21.47
N ILE A 416 -9.99 12.60 21.78
CA ILE A 416 -11.24 12.63 22.51
C ILE A 416 -11.11 13.56 23.75
N THR A 417 -12.09 14.43 23.95
CA THR A 417 -11.98 15.40 25.04
C THR A 417 -12.26 14.72 26.41
N ASP A 418 -11.93 15.45 27.50
CA ASP A 418 -12.22 14.94 28.83
C ASP A 418 -13.71 14.66 28.97
N GLU A 419 -14.49 15.63 28.51
CA GLU A 419 -15.93 15.53 28.64
C GLU A 419 -16.46 14.37 27.81
N GLU A 420 -16.00 14.28 26.58
CA GLU A 420 -16.41 13.19 25.71
C GLU A 420 -16.00 11.78 26.24
N HIS A 421 -14.80 11.71 26.80
CA HIS A 421 -14.31 10.44 27.34
C HIS A 421 -15.09 10.02 28.59
N ARG A 422 -15.49 10.99 29.41
CA ARG A 422 -16.31 10.66 30.60
C ARG A 422 -17.65 10.11 30.16
N ASP A 423 -18.26 10.78 29.17
CA ASP A 423 -19.53 10.40 28.57
C ASP A 423 -19.45 8.99 27.96
N ALA A 424 -18.44 8.77 27.15
CA ALA A 424 -18.21 7.46 26.53
C ALA A 424 -17.99 6.34 27.57
N THR A 425 -17.19 6.64 28.58
CA THR A 425 -16.94 5.68 29.67
C THR A 425 -18.24 5.23 30.33
N THR A 426 -19.10 6.20 30.67
N THR A 426 -19.10 6.20 30.70
CA THR A 426 -20.38 5.92 31.28
CA THR A 426 -20.42 5.92 31.26
C THR A 426 -21.28 5.12 30.31
C THR A 426 -21.22 5.05 30.29
N ARG A 427 -21.23 5.45 29.02
CA ARG A 427 -22.00 4.67 28.00
C ARG A 427 -21.52 3.22 27.89
N ILE A 428 -20.21 3.03 27.94
CA ILE A 428 -19.60 1.71 27.87
C ILE A 428 -19.98 0.87 29.10
N ILE A 429 -19.83 1.46 30.29
N ILE A 429 -19.83 1.46 30.29
CA ILE A 429 -20.21 0.78 31.55
CA ILE A 429 -20.19 0.73 31.52
C ILE A 429 -21.68 0.36 31.53
C ILE A 429 -21.68 0.37 31.55
N LYS A 430 -22.53 1.34 31.22
CA LYS A 430 -23.99 1.10 31.04
C LYS A 430 -24.29 -0.12 30.12
N SER A 431 -23.52 -0.26 29.05
CA SER A 431 -23.76 -1.31 28.07
C SER A 431 -23.43 -2.67 28.66
N PHE A 432 -22.27 -2.77 29.33
CA PHE A 432 -21.89 -4.04 29.91
C PHE A 432 -22.89 -4.42 30.99
N LEU A 433 -23.27 -3.46 31.83
CA LEU A 433 -24.22 -3.77 32.95
C LEU A 433 -25.59 -4.15 32.40
N ALA A 434 -26.05 -3.51 31.33
CA ALA A 434 -27.39 -3.85 30.74
C ALA A 434 -27.41 -5.26 30.13
N VAL A 435 -26.31 -5.66 29.52
CA VAL A 435 -26.15 -7.04 29.06
C VAL A 435 -26.20 -8.03 30.25
N GLU A 436 -25.54 -7.70 31.37
CA GLU A 436 -25.59 -8.55 32.58
C GLU A 436 -27.03 -8.61 33.16
N GLU A 437 -27.67 -7.45 33.27
CA GLU A 437 -29.10 -7.38 33.68
C GLU A 437 -30.00 -8.29 32.79
N GLU A 438 -29.83 -8.21 31.47
CA GLU A 438 -30.57 -9.03 30.49
C GLU A 438 -30.21 -10.50 30.52
N ARG A 439 -28.97 -10.82 30.85
CA ARG A 439 -28.65 -12.19 31.17
C ARG A 439 -29.45 -12.50 32.44
N ALA B 17 1.44 33.85 -1.57
CA ALA B 17 0.77 32.87 -0.65
C ALA B 17 1.58 32.67 0.66
N ARG B 18 0.86 32.41 1.76
CA ARG B 18 1.52 32.08 3.03
C ARG B 18 2.29 30.76 2.92
N LYS B 19 3.43 30.62 3.61
CA LYS B 19 4.21 29.36 3.60
C LYS B 19 3.38 28.19 4.11
N THR B 20 3.62 26.98 3.59
CA THR B 20 3.03 25.74 4.11
C THR B 20 3.89 25.30 5.34
N ASN B 21 3.38 24.50 6.29
CA ASN B 21 4.25 23.89 7.38
C ASN B 21 5.56 23.34 6.82
N ILE B 22 5.42 22.43 5.85
CA ILE B 22 6.48 21.58 5.40
C ILE B 22 7.47 22.51 4.72
N GLU B 23 7.00 23.63 4.11
CA GLU B 23 7.88 24.69 3.53
C GLU B 23 8.70 25.36 4.63
N ALA B 24 8.06 25.67 5.76
CA ALA B 24 8.75 26.23 6.95
C ALA B 24 9.67 25.20 7.68
N TYR B 25 9.28 23.94 7.85
CA TYR B 25 10.25 22.93 8.37
C TYR B 25 11.43 22.86 7.43
N ARG B 26 11.15 22.65 6.14
CA ARG B 26 12.24 22.66 5.18
C ARG B 26 12.99 24.00 5.13
N ASP B 27 12.29 25.14 5.27
CA ASP B 27 12.99 26.43 5.26
C ASP B 27 13.87 26.54 6.49
N GLY B 28 13.42 26.00 7.62
CA GLY B 28 14.26 25.83 8.78
C GLY B 28 15.56 25.09 8.54
N LEU B 29 15.53 24.07 7.69
CA LEU B 29 16.74 23.34 7.33
C LEU B 29 17.69 24.08 6.38
N LYS B 30 17.25 25.18 5.76
CA LYS B 30 18.14 25.98 4.92
C LYS B 30 18.62 25.21 3.70
N LEU B 31 17.71 24.47 3.08
CA LEU B 31 17.98 23.73 1.87
C LEU B 31 17.72 24.67 0.70
N LYS B 32 18.77 25.08 -0.01
CA LYS B 32 18.65 26.07 -1.07
C LYS B 32 18.89 25.54 -2.47
N THR B 33 19.89 24.67 -2.60
CA THR B 33 20.38 24.19 -3.86
C THR B 33 19.94 22.77 -4.09
N GLU B 34 20.02 22.30 -5.33
CA GLU B 34 19.58 20.91 -5.57
C GLU B 34 20.55 20.00 -4.80
N GLU B 35 21.83 20.38 -4.73
CA GLU B 35 22.78 19.56 -3.98
C GLU B 35 22.46 19.49 -2.44
N ASP B 36 21.90 20.55 -1.84
CA ASP B 36 21.51 20.50 -0.45
C ASP B 36 20.44 19.40 -0.24
N PHE B 37 19.53 19.32 -1.18
CA PHE B 37 18.51 18.29 -1.16
C PHE B 37 19.08 16.87 -1.43
N PHE B 38 20.00 16.76 -2.39
CA PHE B 38 20.66 15.46 -2.68
C PHE B 38 21.33 14.96 -1.38
N ALA B 39 21.98 15.88 -0.65
CA ALA B 39 22.65 15.48 0.58
C ALA B 39 21.69 14.99 1.65
N CYS B 40 20.54 15.62 1.69
CA CYS B 40 19.57 15.37 2.73
C CYS B 40 19.05 13.97 2.44
N ASP B 41 18.75 13.74 1.17
CA ASP B 41 18.28 12.41 0.76
C ASP B 41 19.34 11.34 1.05
N ARG B 42 20.62 11.60 0.74
CA ARG B 42 21.69 10.66 1.06
C ARG B 42 21.77 10.32 2.53
N GLN B 43 21.48 11.27 3.41
CA GLN B 43 21.75 11.05 4.81
C GLN B 43 20.60 10.32 5.51
N TYR B 44 19.36 10.65 5.17
CA TYR B 44 18.22 10.19 5.96
C TYR B 44 17.32 9.22 5.29
N VAL B 45 17.44 9.09 3.97
CA VAL B 45 16.50 8.29 3.20
C VAL B 45 17.16 6.95 2.89
N CYS B 46 16.45 5.84 3.10
CA CYS B 46 16.98 4.52 2.77
C CYS B 46 17.46 4.58 1.33
N GLN B 47 18.72 4.13 1.08
CA GLN B 47 19.42 4.44 -0.19
C GLN B 47 19.14 3.35 -1.28
N ASN B 48 17.85 3.00 -1.46
CA ASN B 48 17.47 1.93 -2.38
C ASN B 48 17.04 2.42 -3.76
N TYR B 49 17.29 3.70 -4.08
CA TYR B 49 17.13 4.25 -5.42
C TYR B 49 18.41 4.96 -5.83
N ALA B 50 18.62 5.02 -7.13
CA ALA B 50 19.81 5.60 -7.66
C ALA B 50 19.78 7.08 -7.44
N PRO B 51 20.97 7.68 -7.45
CA PRO B 51 20.95 9.14 -7.48
C PRO B 51 20.01 9.79 -8.52
N VAL B 52 19.43 10.90 -8.11
CA VAL B 52 18.51 11.59 -8.95
C VAL B 52 19.10 12.85 -9.55
N PRO B 53 18.67 13.14 -10.79
CA PRO B 53 19.18 14.30 -11.43
C PRO B 53 18.58 15.67 -11.09
N VAL B 54 17.48 15.74 -10.35
CA VAL B 54 16.61 16.91 -10.35
C VAL B 54 15.80 16.97 -9.08
N VAL B 55 15.49 18.17 -8.62
CA VAL B 55 14.65 18.36 -7.48
C VAL B 55 13.36 19.06 -7.90
N ILE B 56 12.31 18.28 -8.03
CA ILE B 56 11.04 18.77 -8.50
C ILE B 56 10.27 19.41 -7.34
N SER B 57 9.71 20.58 -7.56
CA SER B 57 8.86 21.25 -6.55
C SER B 57 7.37 21.41 -6.92
N LYS B 58 7.05 21.34 -8.20
CA LYS B 58 5.71 21.58 -8.67
C LYS B 58 5.45 20.83 -9.93
N GLY B 59 4.24 20.29 -10.05
CA GLY B 59 3.77 19.74 -11.29
C GLY B 59 2.42 20.25 -11.69
N LYS B 60 2.23 20.39 -12.99
CA LYS B 60 0.93 20.78 -13.52
C LYS B 60 0.78 20.20 -14.90
N GLY B 61 -0.19 19.28 -15.09
CA GLY B 61 -0.40 18.65 -16.41
C GLY B 61 0.79 17.82 -16.84
N ALA B 62 1.31 18.08 -18.05
CA ALA B 62 2.51 17.38 -18.56
C ALA B 62 3.84 17.99 -18.10
N ARG B 63 3.77 19.08 -17.35
CA ARG B 63 4.93 19.89 -16.99
C ARG B 63 5.29 19.74 -15.52
N VAL B 64 6.59 19.71 -15.22
CA VAL B 64 7.05 19.87 -13.86
C VAL B 64 8.07 20.98 -13.80
N TRP B 65 8.25 21.56 -12.62
CA TRP B 65 9.29 22.58 -12.40
C TRP B 65 10.20 22.16 -11.29
N ASP B 66 11.49 22.41 -11.46
CA ASP B 66 12.45 22.18 -10.39
C ASP B 66 12.45 23.36 -9.46
N ILE B 67 13.21 23.27 -8.39
CA ILE B 67 13.24 24.31 -7.37
C ILE B 67 13.87 25.58 -7.90
N ASN B 68 14.47 25.55 -9.08
CA ASN B 68 15.04 26.78 -9.72
C ASN B 68 14.14 27.36 -10.77
N GLY B 69 12.96 26.80 -10.93
CA GLY B 69 12.00 27.37 -11.87
C GLY B 69 12.21 26.87 -13.28
N ASN B 70 13.14 25.93 -13.47
CA ASN B 70 13.31 25.34 -14.77
C ASN B 70 12.12 24.43 -15.00
N GLU B 71 11.61 24.46 -16.22
CA GLU B 71 10.49 23.64 -16.65
C GLU B 71 10.98 22.44 -17.45
N TYR B 72 10.31 21.30 -17.26
CA TYR B 72 10.55 20.10 -18.07
C TYR B 72 9.21 19.47 -18.42
N TYR B 73 9.17 18.69 -19.47
CA TYR B 73 8.09 17.74 -19.68
C TYR B 73 8.41 16.46 -18.89
N ASP B 74 7.45 15.95 -18.12
CA ASP B 74 7.60 14.72 -17.35
C ASP B 74 7.29 13.59 -18.28
N PHE B 75 8.32 12.86 -18.70
CA PHE B 75 8.19 11.73 -19.61
C PHE B 75 8.35 10.39 -18.87
N LEU B 76 8.14 10.43 -17.56
CA LEU B 76 8.02 9.22 -16.77
C LEU B 76 6.62 9.11 -16.18
N ALA B 77 6.11 10.21 -15.68
CA ALA B 77 4.71 10.24 -15.25
C ALA B 77 4.37 9.13 -14.27
N GLY B 78 5.30 8.90 -13.33
CA GLY B 78 5.01 7.89 -12.29
C GLY B 78 4.99 6.49 -12.90
N VAL B 79 5.66 6.32 -14.03
CA VAL B 79 5.54 5.13 -14.92
C VAL B 79 4.08 4.83 -15.19
N SER B 80 3.39 5.85 -15.70
CA SER B 80 1.97 5.80 -15.98
C SER B 80 1.00 5.76 -14.81
N SER B 81 1.35 6.51 -13.72
CA SER B 81 0.51 6.86 -12.61
C SER B 81 -0.13 8.19 -12.73
N LEU B 82 0.43 9.06 -13.60
CA LEU B 82 -0.04 10.47 -13.75
C LEU B 82 -0.57 10.71 -15.17
N SER B 83 -1.32 9.76 -15.67
CA SER B 83 -1.90 9.90 -17.01
C SER B 83 -2.81 11.11 -17.17
N GLN B 84 -3.52 11.42 -16.11
CA GLN B 84 -4.38 12.60 -16.05
C GLN B 84 -3.64 13.90 -15.77
N GLY B 85 -2.33 13.83 -15.78
CA GLY B 85 -1.49 14.99 -15.46
C GLY B 85 -1.29 15.26 -13.99
N HIS B 86 -0.22 16.02 -13.68
CA HIS B 86 0.05 16.46 -12.34
C HIS B 86 -1.02 17.43 -11.88
N CYS B 87 -1.48 17.24 -10.64
CA CYS B 87 -2.38 18.24 -10.01
C CYS B 87 -3.60 18.55 -10.90
N HIS B 88 -4.31 17.50 -11.34
CA HIS B 88 -5.53 17.74 -12.13
C HIS B 88 -6.59 18.44 -11.23
N PRO B 89 -7.12 19.60 -11.63
CA PRO B 89 -8.03 20.34 -10.72
C PRO B 89 -9.25 19.59 -10.25
N ARG B 90 -9.83 18.80 -11.11
CA ARG B 90 -11.01 17.99 -10.70
C ARG B 90 -10.62 16.97 -9.64
N VAL B 91 -9.49 16.29 -9.87
CA VAL B 91 -9.08 15.25 -8.94
C VAL B 91 -8.71 15.86 -7.57
N ILE B 92 -8.00 16.99 -7.59
CA ILE B 92 -7.63 17.64 -6.34
C ILE B 92 -8.88 18.15 -5.61
N ALA B 93 -9.84 18.65 -6.38
CA ALA B 93 -11.10 19.10 -5.78
C ALA B 93 -11.87 17.93 -5.11
N ALA B 94 -11.88 16.77 -5.74
CA ALA B 94 -12.58 15.62 -5.21
C ALA B 94 -11.86 15.11 -3.97
N LEU B 95 -10.54 15.10 -3.99
CA LEU B 95 -9.73 14.77 -2.81
C LEU B 95 -10.13 15.68 -1.66
N CYS B 96 -10.00 16.98 -1.86
CA CYS B 96 -10.18 17.92 -0.75
C CYS B 96 -11.64 17.90 -0.21
N ARG B 97 -12.61 17.75 -1.10
CA ARG B 97 -13.98 17.74 -0.70
C ARG B 97 -14.25 16.53 0.18
N GLN B 98 -13.77 15.36 -0.24
CA GLN B 98 -14.05 14.15 0.55
C GLN B 98 -13.22 14.16 1.85
N ALA B 99 -12.03 14.71 1.80
CA ALA B 99 -11.14 14.69 2.95
C ALA B 99 -11.69 15.55 4.08
N GLU B 100 -12.52 16.55 3.73
CA GLU B 100 -13.17 17.38 4.76
C GLU B 100 -14.30 16.65 5.46
N ARG B 101 -14.72 15.53 4.88
CA ARG B 101 -15.89 14.82 5.37
C ARG B 101 -15.56 13.56 6.09
N LEU B 102 -14.74 12.72 5.46
CA LEU B 102 -14.43 11.38 5.96
C LEU B 102 -13.37 10.72 5.12
N THR B 103 -12.35 10.19 5.79
CA THR B 103 -11.25 9.50 5.08
C THR B 103 -11.14 8.03 5.30
N LEU B 104 -11.50 7.54 6.47
CA LEU B 104 -11.31 6.16 6.81
C LEU B 104 -12.31 5.65 7.82
N THR B 105 -12.92 4.51 7.52
CA THR B 105 -13.73 3.81 8.47
C THR B 105 -13.24 2.40 8.76
N LEU B 106 -12.34 1.85 7.93
CA LEU B 106 -12.12 0.46 7.75
C LEU B 106 -13.33 -0.20 7.12
N ARG B 107 -13.13 -1.37 6.51
CA ARG B 107 -14.24 -2.15 6.03
C ARG B 107 -14.99 -2.90 7.15
N ALA B 108 -14.47 -2.82 8.37
CA ALA B 108 -15.16 -3.21 9.58
C ALA B 108 -16.49 -2.42 9.82
N PHE B 109 -16.56 -1.19 9.32
CA PHE B 109 -17.79 -0.38 9.36
C PHE B 109 -18.21 -0.07 7.94
N GLY B 110 -19.51 0.22 7.72
CA GLY B 110 -19.92 0.70 6.41
C GLY B 110 -19.60 2.16 6.22
N ASN B 111 -19.64 2.62 4.97
CA ASN B 111 -19.65 4.04 4.70
C ASN B 111 -20.43 4.34 3.43
N ASP B 112 -20.66 5.62 3.13
CA ASP B 112 -21.50 5.99 1.94
C ASP B 112 -20.73 6.16 0.63
N VAL B 113 -19.47 5.67 0.57
CA VAL B 113 -18.64 5.81 -0.63
C VAL B 113 -18.13 4.51 -1.26
N THR B 114 -17.65 3.60 -0.45
CA THR B 114 -16.90 2.45 -0.94
C THR B 114 -17.71 1.57 -1.87
N GLY B 115 -18.94 1.26 -1.43
CA GLY B 115 -19.82 0.48 -2.27
C GLY B 115 -20.14 1.14 -3.62
N PRO B 116 -20.63 2.39 -3.58
CA PRO B 116 -20.90 3.06 -4.84
C PRO B 116 -19.67 3.11 -5.76
N ALA B 117 -18.48 3.30 -5.18
CA ALA B 117 -17.24 3.34 -6.00
C ALA B 117 -16.94 2.01 -6.63
N CYS B 118 -17.19 0.92 -5.89
CA CYS B 118 -16.97 -0.40 -6.44
C CYS B 118 -18.00 -0.69 -7.53
N ARG B 119 -19.25 -0.25 -7.33
CA ARG B 119 -20.28 -0.41 -8.37
C ARG B 119 -19.84 0.38 -9.61
N PHE B 120 -19.34 1.59 -9.39
CA PHE B 120 -18.86 2.40 -10.54
C PHE B 120 -17.80 1.68 -11.34
N MET B 121 -16.80 1.09 -10.68
CA MET B 121 -15.76 0.35 -11.37
C MET B 121 -16.28 -0.96 -11.97
N ALA B 122 -17.17 -1.65 -11.27
CA ALA B 122 -17.76 -2.91 -11.78
C ALA B 122 -18.39 -2.66 -13.13
N GLU B 123 -19.15 -1.58 -13.23
CA GLU B 123 -19.87 -1.25 -14.47
C GLU B 123 -18.91 -0.79 -15.52
N MET B 124 -17.90 -0.01 -15.14
CA MET B 124 -16.95 0.50 -16.17
C MET B 124 -16.15 -0.60 -16.84
N PHE B 125 -15.73 -1.59 -16.05
CA PHE B 125 -14.85 -2.65 -16.52
C PHE B 125 -15.56 -3.98 -16.78
N GLY B 126 -16.82 -4.12 -16.32
CA GLY B 126 -17.66 -5.30 -16.63
C GLY B 126 -17.34 -6.50 -15.77
N TYR B 127 -17.21 -6.27 -14.47
CA TYR B 127 -16.92 -7.34 -13.52
C TYR B 127 -17.98 -7.43 -12.47
N ASP B 128 -18.16 -8.61 -11.91
CA ASP B 128 -19.11 -8.78 -10.82
C ASP B 128 -18.65 -8.15 -9.50
N ARG B 129 -17.38 -8.36 -9.16
CA ARG B 129 -16.85 -8.02 -7.82
C ARG B 129 -15.58 -7.25 -7.95
N VAL B 130 -15.48 -6.24 -7.11
CA VAL B 130 -14.27 -5.39 -7.04
C VAL B 130 -13.66 -5.45 -5.63
N LEU B 131 -12.39 -5.81 -5.56
CA LEU B 131 -11.57 -5.75 -4.35
C LEU B 131 -10.60 -4.56 -4.47
N LEU B 132 -10.66 -3.63 -3.50
CA LEU B 132 -9.78 -2.50 -3.48
C LEU B 132 -8.65 -2.74 -2.52
N MET B 133 -7.43 -2.51 -3.00
CA MET B 133 -6.27 -2.58 -2.14
C MET B 133 -5.51 -1.28 -2.35
N ASN B 134 -4.25 -1.20 -1.91
CA ASN B 134 -3.57 0.08 -1.94
C ASN B 134 -2.51 0.20 -3.00
N THR B 135 -1.70 -0.83 -3.19
CA THR B 135 -0.59 -0.72 -4.13
C THR B 135 -0.73 -1.82 -5.20
N GLY B 136 0.05 -1.68 -6.25
CA GLY B 136 0.07 -2.70 -7.31
C GLY B 136 0.55 -4.05 -6.78
N ALA B 137 1.55 -4.01 -5.89
CA ALA B 137 2.07 -5.26 -5.33
C ALA B 137 0.95 -5.97 -4.55
N GLU B 138 0.14 -5.19 -3.82
CA GLU B 138 -0.95 -5.80 -3.05
C GLU B 138 -2.03 -6.37 -3.96
N ALA B 139 -2.25 -5.73 -5.10
CA ALA B 139 -3.24 -6.21 -6.09
C ALA B 139 -2.76 -7.56 -6.63
N GLY B 140 -1.48 -7.66 -6.93
CA GLY B 140 -0.88 -8.93 -7.38
C GLY B 140 -0.99 -10.02 -6.33
N GLU B 141 -0.58 -9.72 -5.08
CA GLU B 141 -0.70 -10.64 -3.98
C GLU B 141 -2.12 -11.16 -3.83
N SER B 142 -3.10 -10.25 -3.87
CA SER B 142 -4.50 -10.60 -3.68
C SER B 142 -4.98 -11.52 -4.79
N ALA B 143 -4.65 -11.18 -6.02
CA ALA B 143 -5.00 -12.03 -7.15
C ALA B 143 -4.43 -13.42 -7.06
N LEU B 144 -3.18 -13.54 -6.62
CA LEU B 144 -2.56 -14.86 -6.43
C LEU B 144 -3.24 -15.67 -5.34
N LYS B 145 -3.58 -15.05 -4.24
CA LYS B 145 -4.37 -15.69 -3.20
C LYS B 145 -5.73 -16.18 -3.69
N ILE B 146 -6.46 -15.29 -4.41
CA ILE B 146 -7.76 -15.67 -4.97
C ILE B 146 -7.63 -16.89 -5.90
N ALA B 147 -6.64 -16.85 -6.76
CA ALA B 147 -6.49 -17.93 -7.70
C ALA B 147 -6.13 -19.23 -7.05
N ARG B 148 -5.26 -19.17 -6.03
CA ARG B 148 -4.91 -20.41 -5.32
C ARG B 148 -6.12 -20.95 -4.59
N LYS B 149 -6.83 -20.10 -3.84
CA LYS B 149 -7.97 -20.59 -3.03
C LYS B 149 -9.07 -21.16 -3.94
N TRP B 150 -9.25 -20.50 -5.08
CA TRP B 150 -10.22 -20.99 -6.10
C TRP B 150 -9.80 -22.34 -6.67
N ALA B 151 -8.51 -22.48 -6.99
CA ALA B 151 -8.02 -23.76 -7.46
C ALA B 151 -8.25 -24.89 -6.45
N TYR B 152 -7.96 -24.62 -5.19
CA TYR B 152 -8.16 -25.66 -4.15
C TYR B 152 -9.64 -26.01 -4.00
N GLU B 153 -10.50 -24.99 -3.99
CA GLU B 153 -11.92 -25.16 -3.63
C GLU B 153 -12.79 -25.56 -4.85
N VAL B 154 -12.48 -25.01 -6.02
CA VAL B 154 -13.33 -25.19 -7.21
C VAL B 154 -12.79 -26.29 -8.13
N LYS B 155 -11.52 -26.20 -8.51
N LYS B 155 -11.51 -26.20 -8.48
CA LYS B 155 -10.84 -27.26 -9.28
CA LYS B 155 -10.82 -27.19 -9.26
C LYS B 155 -10.43 -28.48 -8.42
C LYS B 155 -10.42 -28.45 -8.43
N GLU B 156 -10.40 -28.32 -7.09
CA GLU B 156 -10.08 -29.43 -6.16
C GLU B 156 -8.71 -30.07 -6.41
N ILE B 157 -7.75 -29.24 -6.80
CA ILE B 157 -6.40 -29.75 -6.94
C ILE B 157 -5.84 -30.07 -5.55
N PRO B 158 -4.81 -30.92 -5.47
CA PRO B 158 -4.26 -31.33 -4.19
C PRO B 158 -3.71 -30.21 -3.33
N PRO B 159 -3.86 -30.35 -2.00
CA PRO B 159 -3.39 -29.31 -1.13
C PRO B 159 -1.93 -28.89 -1.38
N ASP B 160 -1.69 -27.59 -1.29
CA ASP B 160 -0.38 -26.95 -1.50
C ASP B 160 0.25 -27.19 -2.88
N SER B 161 -0.50 -27.75 -3.85
CA SER B 161 0.08 -28.03 -5.16
C SER B 161 -0.21 -26.93 -6.19
N ALA B 162 -0.98 -25.87 -5.86
CA ALA B 162 -1.32 -24.84 -6.86
C ALA B 162 -0.08 -24.23 -7.50
N LYS B 163 -0.09 -24.15 -8.82
CA LYS B 163 0.95 -23.44 -9.57
C LYS B 163 0.43 -22.25 -10.32
N VAL B 164 1.29 -21.23 -10.45
CA VAL B 164 1.00 -20.06 -11.24
C VAL B 164 2.11 -19.87 -12.23
N ILE B 165 1.74 -19.77 -13.50
CA ILE B 165 2.70 -19.50 -14.61
C ILE B 165 2.88 -18.02 -14.74
N LEU B 166 4.12 -17.52 -14.83
CA LEU B 166 4.42 -16.09 -15.06
C LEU B 166 5.50 -16.04 -16.09
N CYS B 167 5.87 -14.83 -16.53
CA CYS B 167 6.81 -14.67 -17.62
C CYS B 167 8.12 -14.07 -17.19
N ASN B 168 9.21 -14.57 -17.77
CA ASN B 168 10.56 -14.02 -17.56
C ASN B 168 10.49 -12.54 -17.77
N ASN B 169 11.25 -11.79 -16.93
CA ASN B 169 11.24 -10.30 -16.89
C ASN B 169 9.98 -9.63 -16.44
N ASN B 170 9.02 -10.41 -15.91
CA ASN B 170 7.83 -9.81 -15.36
C ASN B 170 8.19 -8.88 -14.22
N TYR B 171 7.30 -7.92 -13.97
CA TYR B 171 7.38 -7.13 -12.75
C TYR B 171 6.00 -6.90 -12.19
N TRP B 172 5.80 -7.25 -10.92
CA TRP B 172 4.56 -6.98 -10.24
C TRP B 172 4.69 -6.41 -8.83
N GLY B 173 5.90 -6.07 -8.44
CA GLY B 173 6.13 -5.46 -7.12
C GLY B 173 7.26 -6.07 -6.37
N ARG B 174 7.30 -5.75 -5.07
CA ARG B 174 8.49 -5.95 -4.24
C ARG B 174 8.27 -6.72 -2.98
N THR B 175 7.13 -7.37 -2.85
CA THR B 175 6.93 -8.28 -1.73
C THR B 175 7.86 -9.48 -1.90
N ILE B 176 8.01 -10.32 -0.84
CA ILE B 176 8.83 -11.51 -0.94
C ILE B 176 8.26 -12.47 -2.01
N THR B 177 6.97 -12.67 -2.03
CA THR B 177 6.34 -13.51 -3.01
C THR B 177 6.56 -12.97 -4.47
N ALA B 178 6.57 -11.68 -4.66
CA ALA B 178 6.91 -11.11 -5.97
C ALA B 178 8.37 -11.37 -6.29
N CYS B 179 9.27 -11.14 -5.33
CA CYS B 179 10.69 -11.47 -5.51
C CYS B 179 10.87 -12.97 -5.87
N SER B 180 10.03 -13.82 -5.30
CA SER B 180 10.08 -15.25 -5.50
C SER B 180 9.67 -15.70 -6.89
N SER B 181 8.95 -14.86 -7.62
CA SER B 181 8.48 -15.15 -8.96
C SER B 181 9.12 -14.22 -10.02
N SER B 182 10.21 -13.55 -9.64
CA SER B 182 10.99 -12.65 -10.52
C SER B 182 12.16 -13.38 -11.15
N THR B 183 12.57 -12.97 -12.37
CA THR B 183 13.83 -13.45 -12.95
C THR B 183 14.87 -12.36 -12.98
N THR B 184 14.60 -11.27 -12.30
CA THR B 184 15.53 -10.17 -12.23
C THR B 184 16.44 -10.29 -10.99
N PHE B 185 17.76 -10.41 -11.24
CA PHE B 185 18.73 -10.71 -10.18
C PHE B 185 18.61 -9.79 -8.98
N ASP B 186 18.67 -8.48 -9.20
CA ASP B 186 18.57 -7.55 -8.05
C ASP B 186 17.23 -7.57 -7.33
N CYS B 187 16.16 -8.01 -7.99
N CYS B 187 16.13 -7.99 -7.97
CA CYS B 187 14.86 -8.12 -7.36
CA CYS B 187 14.86 -8.11 -7.25
C CYS B 187 14.76 -9.30 -6.36
C CYS B 187 14.87 -9.27 -6.27
N TYR B 188 15.48 -10.40 -6.62
CA TYR B 188 15.41 -11.56 -5.74
C TYR B 188 16.64 -11.84 -4.89
N ASN B 189 17.82 -11.35 -5.30
CA ASN B 189 19.06 -11.90 -4.73
C ASN B 189 19.13 -11.62 -3.19
N ASN B 190 19.41 -12.68 -2.42
CA ASN B 190 19.55 -12.58 -0.96
C ASN B 190 18.27 -12.18 -0.22
N PHE B 191 17.10 -12.41 -0.81
CA PHE B 191 15.83 -12.21 -0.15
C PHE B 191 15.06 -13.51 0.15
N GLY B 192 15.70 -14.68 -0.15
CA GLY B 192 15.05 -15.99 0.08
C GLY B 192 15.17 -16.44 1.53
N PRO B 193 14.61 -17.58 1.87
CA PRO B 193 14.02 -18.53 0.96
C PRO B 193 12.70 -18.09 0.35
N PHE B 194 12.42 -18.64 -0.84
CA PHE B 194 11.42 -18.10 -1.70
C PHE B 194 10.11 -18.85 -1.63
N THR B 195 9.02 -18.12 -1.84
CA THR B 195 7.70 -18.76 -1.98
C THR B 195 7.69 -19.73 -3.16
N PRO B 196 7.29 -20.99 -2.93
CA PRO B 196 7.21 -21.91 -4.07
C PRO B 196 5.98 -21.69 -4.89
N GLY B 197 5.86 -22.46 -5.96
CA GLY B 197 4.62 -22.51 -6.75
C GLY B 197 4.55 -21.75 -8.02
N PHE B 198 5.71 -21.39 -8.57
CA PHE B 198 5.79 -20.59 -9.77
C PHE B 198 6.48 -21.34 -10.90
N GLU B 199 5.95 -21.17 -12.10
CA GLU B 199 6.59 -21.71 -13.31
C GLU B 199 6.84 -20.53 -14.22
N LEU B 200 8.12 -20.28 -14.52
N LEU B 200 8.11 -20.32 -14.54
CA LEU B 200 8.47 -19.14 -15.33
CA LEU B 200 8.51 -19.20 -15.34
C LEU B 200 8.70 -19.57 -16.76
C LEU B 200 8.68 -19.62 -16.78
N ILE B 201 8.02 -18.93 -17.69
CA ILE B 201 8.19 -19.21 -19.16
C ILE B 201 8.63 -17.93 -19.89
N ASP B 202 9.24 -18.07 -21.05
CA ASP B 202 9.48 -16.87 -21.91
C ASP B 202 8.18 -16.09 -22.17
N TYR B 203 8.31 -14.76 -22.15
CA TYR B 203 7.23 -13.87 -22.62
C TYR B 203 6.97 -14.05 -24.13
N ASP B 204 5.77 -13.73 -24.59
CA ASP B 204 5.47 -13.67 -26.01
C ASP B 204 5.82 -14.99 -26.67
N ASP B 205 5.43 -16.09 -26.04
CA ASP B 205 5.78 -17.46 -26.51
C ASP B 205 4.58 -18.37 -26.22
N VAL B 206 3.70 -18.50 -27.19
CA VAL B 206 2.45 -19.26 -26.98
C VAL B 206 2.77 -20.77 -26.82
N GLY B 207 3.77 -21.28 -27.53
CA GLY B 207 4.16 -22.69 -27.41
C GLY B 207 4.60 -23.05 -26.01
N ALA B 208 5.45 -22.20 -25.42
CA ALA B 208 5.90 -22.38 -24.02
C ALA B 208 4.71 -22.38 -23.05
N LEU B 209 3.75 -21.53 -23.31
CA LEU B 209 2.56 -21.49 -22.48
C LEU B 209 1.78 -22.80 -22.58
N GLU B 210 1.55 -23.21 -23.80
CA GLU B 210 0.73 -24.40 -24.07
C GLU B 210 1.36 -25.56 -23.34
N GLU B 211 2.69 -25.68 -23.43
CA GLU B 211 3.39 -26.74 -22.69
C GLU B 211 3.20 -26.66 -21.15
N ALA B 212 3.37 -25.46 -20.58
CA ALA B 212 3.21 -25.25 -19.13
C ALA B 212 1.77 -25.57 -18.67
N LEU B 213 0.79 -25.26 -19.54
CA LEU B 213 -0.61 -25.53 -19.23
C LEU B 213 -1.02 -27.00 -19.28
N LYS B 214 -0.10 -27.90 -19.59
CA LYS B 214 -0.42 -29.32 -19.51
C LYS B 214 -0.55 -29.79 -18.04
N ASP B 215 0.09 -29.06 -17.13
CA ASP B 215 0.15 -29.47 -15.72
C ASP B 215 -1.22 -29.13 -15.11
N PRO B 216 -2.02 -30.15 -14.74
CA PRO B 216 -3.33 -29.76 -14.20
C PRO B 216 -3.34 -29.03 -12.84
N ASN B 217 -2.19 -28.93 -12.16
CA ASN B 217 -2.16 -28.14 -10.91
C ASN B 217 -2.11 -26.63 -11.10
N VAL B 218 -2.06 -26.16 -12.35
CA VAL B 218 -1.96 -24.73 -12.61
C VAL B 218 -3.29 -24.10 -12.28
N ALA B 219 -3.23 -23.03 -11.49
CA ALA B 219 -4.38 -22.21 -11.14
C ALA B 219 -4.61 -21.07 -12.11
N ALA B 220 -3.51 -20.45 -12.54
CA ALA B 220 -3.58 -19.20 -13.29
C ALA B 220 -2.34 -19.02 -14.14
N PHE B 221 -2.51 -18.24 -15.20
CA PHE B 221 -1.40 -17.59 -15.94
C PHE B 221 -1.51 -16.09 -15.67
N PHE B 222 -0.40 -15.48 -15.21
CA PHE B 222 -0.39 -14.10 -14.74
C PHE B 222 0.57 -13.35 -15.68
N VAL B 223 0.06 -12.37 -16.38
CA VAL B 223 0.81 -11.77 -17.49
C VAL B 223 0.47 -10.29 -17.68
N GLU B 224 1.46 -9.55 -18.21
CA GLU B 224 1.30 -8.16 -18.61
C GLU B 224 0.99 -8.13 -20.11
N PRO B 225 0.05 -7.30 -20.57
CA PRO B 225 -0.21 -7.19 -22.03
C PRO B 225 0.97 -6.62 -22.84
N ILE B 226 1.73 -5.76 -22.18
CA ILE B 226 3.04 -5.26 -22.61
C ILE B 226 3.86 -5.28 -21.33
N GLN B 227 5.04 -5.94 -21.33
CA GLN B 227 5.90 -5.93 -20.11
C GLN B 227 6.43 -4.53 -19.88
N GLY B 228 6.21 -4.03 -18.70
CA GLY B 228 6.48 -2.60 -18.35
C GLY B 228 7.91 -2.38 -17.93
N GLU B 229 8.20 -2.78 -16.70
CA GLU B 229 9.57 -2.64 -16.19
C GLU B 229 10.57 -3.52 -16.97
N GLY B 230 10.11 -4.64 -17.55
CA GLY B 230 10.97 -5.50 -18.34
C GLY B 230 11.44 -4.83 -19.65
N GLY B 231 10.85 -3.69 -20.02
CA GLY B 231 11.38 -2.88 -21.16
C GLY B 231 10.41 -2.46 -22.23
N VAL B 232 9.11 -2.34 -21.89
CA VAL B 232 8.06 -2.04 -22.89
C VAL B 232 8.14 -3.11 -23.99
N ASN B 233 8.01 -4.35 -23.54
CA ASN B 233 8.07 -5.47 -24.47
C ASN B 233 6.71 -5.71 -25.04
N VAL B 234 6.52 -5.35 -26.30
CA VAL B 234 5.27 -5.56 -26.99
C VAL B 234 5.24 -6.95 -27.60
N PRO B 235 4.27 -7.78 -27.22
CA PRO B 235 4.21 -9.11 -27.85
C PRO B 235 3.67 -9.07 -29.27
N LYS B 236 3.81 -10.19 -29.93
CA LYS B 236 3.29 -10.37 -31.30
C LYS B 236 1.76 -10.25 -31.31
N PRO B 237 1.19 -9.83 -32.46
CA PRO B 237 -0.25 -9.72 -32.57
C PRO B 237 -0.93 -11.06 -32.21
N GLY B 238 -2.00 -10.92 -31.45
CA GLY B 238 -2.81 -12.06 -31.02
C GLY B 238 -2.27 -12.86 -29.84
N TYR B 239 -1.14 -12.46 -29.27
CA TYR B 239 -0.56 -13.21 -28.12
C TYR B 239 -1.56 -13.46 -26.97
N LEU B 240 -2.17 -12.36 -26.52
CA LEU B 240 -3.05 -12.44 -25.39
C LEU B 240 -4.35 -13.19 -25.76
N LYS B 241 -4.87 -12.92 -26.94
CA LYS B 241 -6.02 -13.68 -27.49
C LYS B 241 -5.76 -15.16 -27.47
N ARG B 242 -4.62 -15.55 -28.02
CA ARG B 242 -4.24 -17.00 -28.10
C ARG B 242 -4.08 -17.55 -26.64
N ALA B 243 -3.44 -16.78 -25.79
CA ALA B 243 -3.13 -17.24 -24.41
C ALA B 243 -4.44 -17.46 -23.67
N HIS B 244 -5.43 -16.61 -23.89
CA HIS B 244 -6.69 -16.82 -23.12
C HIS B 244 -7.38 -18.12 -23.56
N GLU B 245 -7.41 -18.37 -24.84
CA GLU B 245 -8.07 -19.60 -25.36
C GLU B 245 -7.38 -20.84 -24.77
N LEU B 246 -6.05 -20.84 -24.73
CA LEU B 246 -5.29 -21.95 -24.10
C LEU B 246 -5.64 -22.13 -22.65
N CYS B 247 -5.71 -21.02 -21.88
CA CYS B 247 -6.04 -21.12 -20.47
C CYS B 247 -7.49 -21.63 -20.27
N ARG B 248 -8.43 -21.06 -21.01
CA ARG B 248 -9.84 -21.52 -20.88
C ARG B 248 -9.99 -22.96 -21.17
N SER B 249 -9.27 -23.41 -22.21
CA SER B 249 -9.26 -24.86 -22.58
C SER B 249 -8.99 -25.73 -21.39
N LYS B 250 -8.13 -25.22 -20.48
CA LYS B 250 -7.64 -25.97 -19.30
C LYS B 250 -8.24 -25.54 -17.95
N ASN B 251 -9.29 -24.74 -18.00
CA ASN B 251 -9.89 -24.10 -16.82
C ASN B 251 -8.85 -23.48 -15.93
N VAL B 252 -7.98 -22.70 -16.58
CA VAL B 252 -6.92 -21.95 -15.88
C VAL B 252 -7.29 -20.46 -15.99
N LEU B 253 -7.18 -19.69 -14.89
CA LEU B 253 -7.55 -18.29 -14.88
C LEU B 253 -6.50 -17.48 -15.59
N LEU B 254 -6.94 -16.51 -16.38
CA LEU B 254 -6.04 -15.56 -17.02
C LEU B 254 -6.06 -14.29 -16.14
N ILE B 255 -4.94 -14.03 -15.44
CA ILE B 255 -4.78 -12.83 -14.60
C ILE B 255 -4.02 -11.81 -15.40
N VAL B 256 -4.65 -10.67 -15.74
CA VAL B 256 -3.96 -9.66 -16.55
C VAL B 256 -3.65 -8.43 -15.73
N ASP B 257 -2.36 -8.08 -15.71
CA ASP B 257 -1.86 -6.98 -14.92
C ASP B 257 -1.84 -5.73 -15.81
N GLU B 258 -2.81 -4.86 -15.60
CA GLU B 258 -2.92 -3.62 -16.33
C GLU B 258 -2.57 -2.43 -15.45
N ILE B 259 -1.83 -2.66 -14.38
CA ILE B 259 -1.44 -1.58 -13.46
C ILE B 259 -0.63 -0.53 -14.20
N GLN B 260 0.25 -0.98 -15.11
CA GLN B 260 1.02 -0.03 -15.93
C GLN B 260 0.43 0.24 -17.32
N THR B 261 -0.22 -0.78 -17.95
CA THR B 261 -0.75 -0.66 -19.31
C THR B 261 -2.17 -0.15 -19.41
N GLY B 262 -2.92 -0.23 -18.32
CA GLY B 262 -4.37 0.03 -18.36
C GLY B 262 -4.69 1.52 -18.45
N LEU B 263 -5.96 1.80 -18.44
CA LEU B 263 -6.44 3.16 -18.22
C LEU B 263 -5.93 4.11 -19.29
N CYS B 264 -6.11 3.69 -20.53
CA CYS B 264 -5.98 4.56 -21.72
C CYS B 264 -4.53 4.70 -22.21
N ARG B 265 -3.57 4.26 -21.43
CA ARG B 265 -2.17 4.48 -21.74
C ARG B 265 -1.76 3.97 -23.13
N THR B 266 -2.27 2.81 -23.52
CA THR B 266 -1.95 2.21 -24.81
C THR B 266 -2.95 2.54 -25.96
N GLY B 267 -3.86 3.50 -25.73
CA GLY B 267 -4.80 3.90 -26.77
C GLY B 267 -6.16 3.26 -26.66
N ARG B 268 -6.33 2.41 -25.65
N ARG B 268 -6.32 2.39 -25.67
CA ARG B 268 -7.57 1.73 -25.39
CA ARG B 268 -7.56 1.70 -25.38
C ARG B 268 -7.75 1.71 -23.91
C ARG B 268 -7.75 1.73 -23.90
N LEU B 269 -8.99 1.54 -23.44
CA LEU B 269 -9.29 1.56 -21.98
C LEU B 269 -8.42 0.58 -21.23
N LEU B 270 -8.38 -0.65 -21.76
CA LEU B 270 -7.39 -1.64 -21.31
C LEU B 270 -6.51 -2.10 -22.46
N ALA B 271 -5.23 -2.32 -22.20
CA ALA B 271 -4.37 -2.89 -23.28
C ALA B 271 -4.86 -4.25 -23.74
N ALA B 272 -5.56 -5.00 -22.89
CA ALA B 272 -6.15 -6.26 -23.29
C ALA B 272 -7.19 -6.07 -24.45
N ASP B 273 -7.79 -4.88 -24.57
CA ASP B 273 -8.77 -4.59 -25.60
C ASP B 273 -8.19 -4.67 -27.00
N HIS B 274 -6.88 -4.48 -27.15
CA HIS B 274 -6.27 -4.70 -28.47
C HIS B 274 -6.48 -6.15 -29.00
N ASP B 275 -6.73 -7.12 -28.13
CA ASP B 275 -6.91 -8.54 -28.45
C ASP B 275 -8.34 -8.98 -28.16
N GLU B 276 -9.19 -7.99 -27.83
CA GLU B 276 -10.54 -8.28 -27.40
C GLU B 276 -10.60 -9.30 -26.29
N VAL B 277 -9.68 -9.17 -25.32
CA VAL B 277 -9.61 -10.08 -24.18
C VAL B 277 -10.20 -9.41 -22.96
N HIS B 278 -11.17 -10.07 -22.33
CA HIS B 278 -11.69 -9.64 -21.02
C HIS B 278 -11.01 -10.55 -19.95
N PRO B 279 -10.04 -10.00 -19.20
CA PRO B 279 -9.31 -10.86 -18.25
C PRO B 279 -10.20 -11.58 -17.28
N ASP B 280 -9.85 -12.83 -16.92
CA ASP B 280 -10.57 -13.47 -15.82
C ASP B 280 -10.39 -12.73 -14.50
N ILE B 281 -9.18 -12.25 -14.23
CA ILE B 281 -8.99 -11.37 -13.12
C ILE B 281 -8.21 -10.20 -13.69
N LEU B 282 -8.69 -8.99 -13.40
CA LEU B 282 -8.04 -7.74 -13.87
C LEU B 282 -7.37 -7.05 -12.68
N LEU B 283 -6.19 -6.54 -12.89
CA LEU B 283 -5.52 -5.69 -11.92
C LEU B 283 -5.34 -4.29 -12.46
N LEU B 284 -5.70 -3.28 -11.68
CA LEU B 284 -5.43 -1.87 -11.97
C LEU B 284 -4.71 -1.26 -10.79
N GLY B 285 -4.03 -0.16 -11.05
CA GLY B 285 -3.36 0.61 -10.04
C GLY B 285 -2.92 1.93 -10.66
N LYS B 286 -1.87 2.48 -10.12
CA LYS B 286 -1.20 3.67 -10.69
C LYS B 286 -2.18 4.81 -11.03
N SER B 287 -2.49 5.02 -12.32
CA SER B 287 -3.45 6.07 -12.71
C SER B 287 -4.90 5.91 -12.28
N LEU B 288 -5.22 4.78 -11.61
CA LEU B 288 -6.52 4.61 -11.01
C LEU B 288 -6.80 5.77 -10.04
N SER B 289 -5.76 6.39 -9.50
CA SER B 289 -5.91 7.54 -8.63
C SER B 289 -5.35 8.85 -9.22
N ALA B 290 -5.01 8.84 -10.50
CA ALA B 290 -4.26 9.97 -11.11
C ALA B 290 -3.01 10.34 -10.31
N GLY B 291 -2.41 9.37 -9.64
CA GLY B 291 -1.18 9.56 -8.94
C GLY B 291 -1.27 10.37 -7.63
N VAL B 292 -2.47 10.49 -7.07
CA VAL B 292 -2.74 11.34 -5.98
C VAL B 292 -2.62 10.56 -4.67
N VAL B 293 -3.12 9.33 -4.61
CA VAL B 293 -3.01 8.50 -3.42
C VAL B 293 -2.96 7.03 -3.90
N PRO B 294 -2.40 6.13 -3.08
CA PRO B 294 -2.26 4.77 -3.61
C PRO B 294 -3.60 4.01 -3.51
N ILE B 295 -4.17 3.60 -4.62
CA ILE B 295 -5.35 2.72 -4.63
C ILE B 295 -5.15 1.77 -5.81
N SER B 296 -5.43 0.49 -5.58
CA SER B 296 -5.35 -0.54 -6.63
C SER B 296 -6.60 -1.38 -6.58
N ALA B 297 -6.82 -2.16 -7.63
CA ALA B 297 -8.10 -2.95 -7.73
C ALA B 297 -7.81 -4.29 -8.29
N VAL B 298 -8.64 -5.25 -7.85
CA VAL B 298 -8.60 -6.59 -8.42
C VAL B 298 -10.07 -6.89 -8.72
N MET B 299 -10.37 -7.29 -9.95
CA MET B 299 -11.77 -7.48 -10.35
C MET B 299 -11.96 -8.80 -11.01
N GLY B 300 -13.14 -9.43 -10.77
CA GLY B 300 -13.36 -10.76 -11.34
C GLY B 300 -14.81 -11.16 -11.21
N ARG B 301 -15.18 -12.24 -11.91
CA ARG B 301 -16.50 -12.84 -11.73
C ARG B 301 -16.75 -13.35 -10.32
N ALA B 302 -18.04 -13.40 -9.96
CA ALA B 302 -18.48 -13.79 -8.64
C ALA B 302 -17.97 -15.15 -8.23
N ASP B 303 -18.08 -16.14 -9.12
CA ASP B 303 -17.71 -17.51 -8.74
C ASP B 303 -16.21 -17.71 -8.50
N VAL B 304 -15.40 -16.72 -8.85
CA VAL B 304 -13.96 -16.68 -8.48
C VAL B 304 -13.69 -15.81 -7.24
N MET B 305 -14.20 -14.58 -7.31
CA MET B 305 -13.94 -13.61 -6.28
C MET B 305 -14.54 -13.99 -4.94
N ASP B 306 -15.64 -14.71 -4.96
CA ASP B 306 -16.39 -15.00 -3.75
C ASP B 306 -15.73 -16.07 -2.91
N VAL B 307 -14.63 -16.64 -3.39
CA VAL B 307 -13.83 -17.53 -2.51
C VAL B 307 -13.19 -16.75 -1.35
N LEU B 308 -12.96 -15.45 -1.52
CA LEU B 308 -12.48 -14.64 -0.42
C LEU B 308 -13.56 -14.29 0.57
N LYS B 309 -13.84 -15.25 1.45
CA LYS B 309 -14.85 -15.08 2.50
C LYS B 309 -14.45 -14.16 3.61
N PRO B 310 -15.42 -13.69 4.44
CA PRO B 310 -15.07 -12.84 5.59
C PRO B 310 -13.97 -13.41 6.48
N GLY B 311 -13.05 -12.53 6.84
CA GLY B 311 -11.88 -12.89 7.61
C GLY B 311 -10.69 -13.51 6.87
N THR B 312 -10.84 -13.86 5.57
CA THR B 312 -9.80 -14.53 4.79
C THR B 312 -8.86 -13.59 4.03
N HIS B 313 -9.19 -12.30 4.05
CA HIS B 313 -8.34 -11.25 3.46
C HIS B 313 -8.72 -9.94 4.07
N GLY B 314 -7.86 -8.92 3.95
CA GLY B 314 -8.21 -7.66 4.57
C GLY B 314 -7.10 -6.67 4.19
N SER B 315 -7.28 -5.48 4.66
CA SER B 315 -6.31 -4.33 4.48
C SER B 315 -6.86 -3.16 5.32
N THR B 316 -6.01 -2.47 6.06
CA THR B 316 -6.45 -1.31 6.79
C THR B 316 -7.00 -0.25 5.84
N PHE B 317 -6.14 0.23 4.94
CA PHE B 317 -6.57 1.32 4.06
C PHE B 317 -7.32 0.93 2.76
N GLY B 318 -7.40 -0.36 2.45
CA GLY B 318 -7.98 -0.74 1.17
C GLY B 318 -9.46 -0.31 1.14
N GLY B 319 -9.85 0.37 0.08
CA GLY B 319 -11.25 0.84 -0.02
C GLY B 319 -11.60 2.01 0.85
N ASN B 320 -10.61 2.70 1.37
CA ASN B 320 -10.93 3.87 2.16
C ASN B 320 -11.72 4.86 1.31
N PRO B 321 -12.66 5.61 1.95
CA PRO B 321 -13.52 6.52 1.18
C PRO B 321 -12.77 7.63 0.47
N LEU B 322 -11.68 8.11 1.00
CA LEU B 322 -10.95 9.17 0.29
C LEU B 322 -10.45 8.69 -1.03
N ALA B 323 -9.71 7.59 -0.99
CA ALA B 323 -9.24 6.98 -2.20
C ALA B 323 -10.31 6.62 -3.21
N CYS B 324 -11.44 6.07 -2.76
CA CYS B 324 -12.52 5.85 -3.63
C CYS B 324 -13.05 7.11 -4.35
N ALA B 325 -13.22 8.21 -3.63
CA ALA B 325 -13.66 9.45 -4.24
C ALA B 325 -12.66 9.92 -5.32
N VAL B 326 -11.36 9.86 -5.00
CA VAL B 326 -10.29 10.22 -5.95
C VAL B 326 -10.35 9.29 -7.19
N ALA B 327 -10.52 8.00 -6.96
CA ALA B 327 -10.49 7.05 -8.08
C ALA B 327 -11.63 7.26 -9.02
N VAL B 328 -12.83 7.51 -8.49
CA VAL B 328 -13.99 7.76 -9.35
C VAL B 328 -13.75 9.02 -10.21
N GLU B 329 -13.19 10.07 -9.63
CA GLU B 329 -12.87 11.28 -10.41
C GLU B 329 -11.80 11.01 -11.48
N ALA B 330 -10.73 10.30 -11.09
CA ALA B 330 -9.63 9.99 -11.97
C ALA B 330 -10.13 9.17 -13.17
N LEU B 331 -10.96 8.19 -12.92
CA LEU B 331 -11.50 7.37 -14.00
C LEU B 331 -12.41 8.14 -14.90
N THR B 332 -13.20 9.04 -14.33
CA THR B 332 -14.08 9.87 -15.15
C THR B 332 -13.30 10.86 -16.02
N VAL B 333 -12.20 11.41 -15.52
CA VAL B 333 -11.36 12.25 -16.35
C VAL B 333 -10.89 11.53 -17.61
N LEU B 334 -10.53 10.25 -17.45
CA LEU B 334 -10.05 9.51 -18.62
C LEU B 334 -11.09 9.48 -19.76
N LYS B 335 -12.33 9.30 -19.39
CA LYS B 335 -13.43 9.27 -20.35
C LYS B 335 -13.76 10.66 -20.94
N ASP B 336 -13.96 11.61 -20.05
CA ASP B 336 -14.39 12.95 -20.43
C ASP B 336 -13.38 13.61 -21.33
N GLU B 337 -12.10 13.44 -21.04
CA GLU B 337 -11.04 14.06 -21.87
C GLU B 337 -10.58 13.16 -23.03
N LYS B 338 -11.25 12.01 -23.25
CA LYS B 338 -10.94 11.15 -24.39
C LYS B 338 -9.47 10.89 -24.50
N LEU B 339 -8.89 10.43 -23.40
CA LEU B 339 -7.44 10.25 -23.31
C LEU B 339 -6.95 9.01 -24.01
N ALA B 340 -7.80 8.02 -24.19
CA ALA B 340 -7.43 6.86 -25.05
C ALA B 340 -7.26 7.27 -26.50
N ASP B 341 -8.15 8.14 -27.00
CA ASP B 341 -8.05 8.63 -28.36
C ASP B 341 -6.79 9.47 -28.49
N ARG B 342 -6.52 10.32 -27.52
CA ARG B 342 -5.32 11.14 -27.51
C ARG B 342 -4.02 10.30 -27.47
N ALA B 343 -3.99 9.28 -26.64
CA ALA B 343 -2.82 8.41 -26.56
C ALA B 343 -2.62 7.68 -27.87
N GLU B 344 -3.72 7.17 -28.46
CA GLU B 344 -3.65 6.46 -29.73
C GLU B 344 -3.00 7.32 -30.79
N ARG B 345 -3.53 8.54 -30.91
CA ARG B 345 -3.19 9.44 -32.03
C ARG B 345 -1.80 9.98 -31.87
N LEU B 346 -1.52 10.53 -30.70
CA LEU B 346 -0.16 11.11 -30.46
C LEU B 346 0.92 10.03 -30.42
N GLY B 347 0.61 8.88 -29.88
CA GLY B 347 1.56 7.72 -29.84
C GLY B 347 2.03 7.29 -31.21
N ALA B 348 1.06 7.16 -32.10
CA ALA B 348 1.33 6.72 -33.47
C ALA B 348 2.24 7.75 -34.14
N GLN B 349 1.93 9.03 -33.93
CA GLN B 349 2.80 10.12 -34.40
C GLN B 349 4.19 10.06 -33.82
N PHE B 350 4.31 9.83 -32.52
CA PHE B 350 5.63 9.73 -31.86
C PHE B 350 6.53 8.65 -32.48
N ARG B 351 6.00 7.44 -32.62
CA ARG B 351 6.79 6.30 -33.14
C ARG B 351 7.09 6.56 -34.63
N ASP B 352 6.15 7.13 -35.38
CA ASP B 352 6.37 7.43 -36.81
C ASP B 352 7.53 8.39 -37.00
N CYS B 353 7.48 9.49 -36.28
CA CYS B 353 8.55 10.49 -36.33
C CYS B 353 9.91 10.03 -35.83
N LEU B 354 9.97 9.31 -34.70
CA LEU B 354 11.23 8.86 -34.20
C LEU B 354 11.85 7.88 -35.19
N ARG B 355 11.06 6.95 -35.73
CA ARG B 355 11.57 6.01 -36.73
C ARG B 355 12.10 6.72 -37.99
N ARG B 356 11.32 7.64 -38.53
N ARG B 356 11.31 7.64 -38.55
CA ARG B 356 11.71 8.43 -39.71
CA ARG B 356 11.76 8.40 -39.73
C ARG B 356 12.99 9.19 -39.48
C ARG B 356 13.07 9.10 -39.41
N GLU B 357 13.10 9.89 -38.34
CA GLU B 357 14.28 10.76 -38.10
C GLU B 357 15.47 10.06 -37.46
N LEU B 358 15.27 8.89 -36.84
CA LEU B 358 16.39 8.25 -36.07
C LEU B 358 16.97 6.93 -36.64
N TYR B 359 16.09 6.04 -37.10
CA TYR B 359 16.57 4.79 -37.64
C TYR B 359 17.56 5.07 -38.78
N GLY B 360 18.69 4.37 -38.74
CA GLY B 360 19.70 4.57 -39.77
C GLY B 360 20.68 5.66 -39.40
N LYS B 361 20.18 6.88 -39.19
CA LYS B 361 21.00 7.99 -38.73
C LYS B 361 21.72 7.71 -37.40
N VAL B 362 21.07 6.90 -36.53
CA VAL B 362 21.56 6.58 -35.21
C VAL B 362 21.72 5.06 -35.14
N PRO B 363 22.95 4.56 -35.34
CA PRO B 363 23.12 3.12 -35.54
C PRO B 363 22.98 2.32 -34.23
N TRP B 364 23.21 3.01 -33.11
CA TRP B 364 23.13 2.44 -31.76
C TRP B 364 21.70 2.37 -31.18
N ILE B 365 20.70 2.79 -31.95
N ILE B 365 20.69 2.77 -31.95
CA ILE B 365 19.31 2.47 -31.65
CA ILE B 365 19.30 2.51 -31.55
C ILE B 365 19.05 1.06 -32.10
C ILE B 365 18.88 1.15 -32.09
N LYS B 366 18.61 0.21 -31.18
CA LYS B 366 18.17 -1.10 -31.52
C LYS B 366 16.73 -1.15 -31.97
N GLU B 367 15.84 -0.50 -31.23
CA GLU B 367 14.41 -0.58 -31.55
C GLU B 367 13.65 0.60 -30.98
N ILE B 368 12.68 1.10 -31.74
CA ILE B 368 11.68 2.04 -31.24
C ILE B 368 10.36 1.26 -31.21
N ARG B 369 9.79 1.15 -30.02
CA ARG B 369 8.61 0.30 -29.83
C ARG B 369 7.59 0.89 -28.86
N GLY B 370 6.34 0.44 -28.96
CA GLY B 370 5.30 0.84 -28.02
C GLY B 370 3.90 0.68 -28.60
N ARG B 371 2.94 0.97 -27.73
CA ARG B 371 1.59 1.22 -28.10
C ARG B 371 1.03 2.44 -27.36
N GLY B 372 0.18 3.20 -28.06
CA GLY B 372 -0.34 4.44 -27.47
C GLY B 372 0.81 5.32 -27.04
N LEU B 373 0.77 5.82 -25.80
CA LEU B 373 1.88 6.68 -25.23
C LEU B 373 2.72 5.88 -24.21
N LEU B 374 2.82 4.54 -24.39
CA LEU B 374 3.83 3.70 -23.67
C LEU B 374 4.88 3.31 -24.68
N ASN B 375 5.98 4.09 -24.75
CA ASN B 375 6.95 3.96 -25.81
C ASN B 375 8.36 3.89 -25.22
N ALA B 376 9.23 3.22 -25.95
CA ALA B 376 10.60 3.01 -25.55
C ALA B 376 11.55 3.11 -26.74
N VAL B 377 12.78 3.52 -26.49
CA VAL B 377 13.84 3.43 -27.48
C VAL B 377 14.98 2.63 -26.78
N GLU B 378 15.17 1.36 -27.18
CA GLU B 378 16.23 0.53 -26.64
C GLU B 378 17.49 0.86 -27.40
N VAL B 379 18.53 1.16 -26.65
CA VAL B 379 19.82 1.45 -27.22
C VAL B 379 20.80 0.31 -26.98
N ASP B 380 21.83 0.25 -27.81
CA ASP B 380 22.95 -0.67 -27.63
C ASP B 380 23.97 -0.07 -26.67
N SER B 381 23.95 -0.55 -25.43
CA SER B 381 24.83 -0.04 -24.37
C SER B 381 26.32 -0.40 -24.56
N ASP B 382 26.61 -1.29 -25.50
CA ASP B 382 28.01 -1.53 -25.89
C ASP B 382 28.52 -0.47 -26.85
N ALA B 383 27.60 0.26 -27.50
CA ALA B 383 27.94 1.26 -28.54
C ALA B 383 27.82 2.72 -28.07
N ILE B 384 27.07 2.92 -27.00
CA ILE B 384 26.82 4.24 -26.45
C ILE B 384 26.73 4.10 -24.94
N ASP B 385 27.01 5.18 -24.21
CA ASP B 385 26.64 5.22 -22.79
C ASP B 385 25.19 5.67 -22.64
N PRO B 386 24.28 4.78 -22.20
CA PRO B 386 22.87 5.22 -22.24
C PRO B 386 22.58 6.40 -21.34
N ASN B 387 23.38 6.58 -20.29
CA ASN B 387 23.24 7.75 -19.42
C ASN B 387 23.51 9.10 -20.12
N ASP B 388 24.35 9.08 -21.14
CA ASP B 388 24.49 10.29 -21.99
C ASP B 388 23.18 10.72 -22.65
N VAL B 389 22.35 9.74 -23.05
CA VAL B 389 21.08 10.04 -23.66
C VAL B 389 20.15 10.62 -22.60
N VAL B 390 20.14 10.04 -21.38
CA VAL B 390 19.34 10.57 -20.27
C VAL B 390 19.70 12.04 -19.93
N MET B 391 20.99 12.32 -19.79
CA MET B 391 21.45 13.69 -19.53
C MET B 391 21.13 14.68 -20.64
N LYS B 392 21.30 14.25 -21.90
CA LYS B 392 21.01 15.13 -23.02
C LYS B 392 19.53 15.46 -23.07
N LEU B 393 18.71 14.42 -22.82
CA LEU B 393 17.30 14.66 -22.78
C LEU B 393 16.96 15.71 -21.75
N LYS B 394 17.54 15.60 -20.56
CA LYS B 394 17.26 16.56 -19.50
C LYS B 394 17.71 17.97 -19.90
N GLU B 395 18.87 18.06 -20.53
CA GLU B 395 19.38 19.35 -20.94
C GLU B 395 18.38 19.98 -21.89
N ASN B 396 17.74 19.16 -22.71
CA ASN B 396 16.73 19.61 -23.69
C ASN B 396 15.25 19.61 -23.16
N GLY B 397 15.05 19.59 -21.85
CA GLY B 397 13.75 19.82 -21.27
C GLY B 397 12.89 18.58 -21.04
N ILE B 398 13.49 17.37 -21.08
CA ILE B 398 12.76 16.09 -21.00
C ILE B 398 13.30 15.28 -19.83
N LEU B 399 12.43 14.95 -18.87
CA LEU B 399 12.80 14.07 -17.75
C LEU B 399 12.29 12.67 -18.01
N SER B 400 13.25 11.70 -17.99
CA SER B 400 13.01 10.35 -18.39
C SER B 400 13.87 9.52 -17.44
N LYS B 401 13.42 8.30 -17.16
CA LYS B 401 14.21 7.34 -16.44
C LYS B 401 14.16 6.02 -17.19
N PRO B 402 15.34 5.45 -17.52
CA PRO B 402 15.36 4.17 -18.26
C PRO B 402 14.94 2.99 -17.39
N THR B 403 14.68 1.82 -18.02
CA THR B 403 14.61 0.59 -17.31
C THR B 403 15.66 -0.32 -17.94
N ARG B 404 16.25 -1.18 -17.11
CA ARG B 404 17.31 -2.12 -17.56
C ARG B 404 18.54 -1.42 -18.15
N GLY B 405 18.79 -0.21 -17.70
CA GLY B 405 19.93 0.61 -18.14
C GLY B 405 19.77 1.20 -19.55
N ARG B 406 19.48 0.33 -20.51
CA ARG B 406 19.49 0.67 -21.94
C ARG B 406 18.15 0.95 -22.59
N VAL B 407 17.04 0.78 -21.85
CA VAL B 407 15.74 0.97 -22.43
C VAL B 407 15.22 2.36 -22.06
N MET B 408 15.36 3.32 -22.98
CA MET B 408 14.84 4.68 -22.72
C MET B 408 13.30 4.65 -22.75
N ARG B 409 12.62 5.37 -21.84
CA ARG B 409 11.19 5.31 -21.75
C ARG B 409 10.61 6.70 -21.92
N PHE B 410 9.58 6.73 -22.74
CA PHE B 410 8.79 7.94 -23.00
C PHE B 410 7.36 7.69 -22.65
N ILE B 411 6.95 8.17 -21.46
CA ILE B 411 5.68 7.90 -20.87
C ILE B 411 5.16 9.22 -20.28
N PRO B 412 4.67 10.10 -21.18
CA PRO B 412 4.13 11.38 -20.67
C PRO B 412 2.73 11.26 -20.14
N PRO B 413 2.28 12.22 -19.34
CA PRO B 413 0.83 12.29 -19.13
C PRO B 413 0.03 12.35 -20.45
N LEU B 414 -1.09 11.63 -20.50
CA LEU B 414 -1.91 11.51 -21.70
C LEU B 414 -2.58 12.82 -22.00
N VAL B 415 -2.62 13.74 -21.01
CA VAL B 415 -3.14 15.09 -21.20
C VAL B 415 -2.19 16.01 -21.91
N ILE B 416 -1.00 15.53 -22.25
CA ILE B 416 -0.05 16.33 -23.02
C ILE B 416 -0.77 16.91 -24.26
N THR B 417 -0.65 18.20 -24.48
CA THR B 417 -1.41 18.83 -25.57
C THR B 417 -0.79 18.54 -26.95
N ASP B 418 -1.50 18.85 -28.02
CA ASP B 418 -0.88 18.60 -29.35
C ASP B 418 0.44 19.39 -29.46
N GLU B 419 0.43 20.63 -29.02
CA GLU B 419 1.63 21.49 -29.17
C GLU B 419 2.73 21.01 -28.26
N GLU B 420 2.41 20.72 -27.00
CA GLU B 420 3.40 20.15 -26.12
C GLU B 420 4.04 18.87 -26.66
N HIS B 421 3.24 17.97 -27.26
CA HIS B 421 3.75 16.73 -27.76
C HIS B 421 4.67 16.97 -28.99
N ARG B 422 4.29 17.92 -29.83
CA ARG B 422 5.12 18.31 -30.98
C ARG B 422 6.50 18.81 -30.47
N ASP B 423 6.46 19.74 -29.55
CA ASP B 423 7.65 20.35 -28.95
C ASP B 423 8.52 19.29 -28.30
N ALA B 424 7.89 18.44 -27.52
CA ALA B 424 8.63 17.37 -26.82
C ALA B 424 9.28 16.39 -27.77
N THR B 425 8.52 15.97 -28.79
CA THR B 425 9.01 14.99 -29.76
C THR B 425 10.22 15.55 -30.47
N THR B 426 10.14 16.83 -30.83
CA THR B 426 11.28 17.58 -31.37
C THR B 426 12.54 17.59 -30.46
N ARG B 427 12.31 17.86 -29.16
CA ARG B 427 13.39 17.88 -28.16
C ARG B 427 14.01 16.50 -27.94
N ILE B 428 13.16 15.48 -27.97
CA ILE B 428 13.60 14.10 -27.86
C ILE B 428 14.44 13.73 -29.07
N ILE B 429 13.91 13.96 -30.28
CA ILE B 429 14.67 13.65 -31.50
C ILE B 429 16.00 14.41 -31.48
N LYS B 430 15.93 15.70 -31.20
CA LYS B 430 17.18 16.52 -31.07
C LYS B 430 18.27 15.91 -30.15
N SER B 431 17.86 15.36 -29.02
CA SER B 431 18.76 14.78 -28.03
C SER B 431 19.45 13.54 -28.53
N PHE B 432 18.70 12.61 -29.15
CA PHE B 432 19.34 11.41 -29.78
C PHE B 432 20.37 11.83 -30.85
N LEU B 433 20.00 12.78 -31.68
CA LEU B 433 20.90 13.24 -32.77
C LEU B 433 22.14 13.92 -32.22
N ALA B 434 22.02 14.67 -31.11
CA ALA B 434 23.17 15.32 -30.46
C ALA B 434 24.08 14.30 -29.86
N VAL B 435 23.53 13.26 -29.21
CA VAL B 435 24.39 12.19 -28.71
C VAL B 435 25.21 11.50 -29.85
N GLU B 436 24.58 11.27 -31.00
CA GLU B 436 25.22 10.64 -32.15
C GLU B 436 26.29 11.54 -32.77
N GLU B 437 25.99 12.84 -32.91
CA GLU B 437 27.00 13.86 -33.30
C GLU B 437 28.25 13.81 -32.43
N GLU B 438 28.06 13.71 -31.12
CA GLU B 438 29.15 13.70 -30.14
C GLU B 438 29.98 12.40 -30.27
N ARG B 439 29.31 11.25 -30.48
CA ARG B 439 30.00 9.96 -30.72
C ARG B 439 30.98 10.08 -31.91
N LYS B 440 30.46 10.63 -33.01
CA LYS B 440 31.24 11.08 -34.15
C LYS B 440 32.30 12.12 -33.75
OA 5JV C . -9.31 -4.44 8.43
CA 5JV C . -8.08 -4.72 8.52
OB 5JV C . -7.42 -5.48 7.77
CB 5JV C . -7.39 -4.05 9.65
CG 5JV C . -6.06 -4.69 10.01
CD 5JV C . -5.42 -4.11 11.24
CE 5JV C . -6.17 -3.46 12.11
N2 5JV C . -3.94 -4.23 11.54
C4A 5JV C . -3.04 -4.28 10.66
C4 5JV C . -1.60 -4.42 11.06
C3 5JV C . -1.20 -4.50 12.40
O3 5JV C . -2.07 -4.43 13.45
C2 5JV C . 0.16 -4.63 12.71
C2A 5JV C . 0.58 -4.69 14.17
N1 5JV C . 1.07 -4.72 11.71
C6 5JV C . 0.73 -4.67 10.44
C5 5JV C . -0.62 -4.54 10.07
C5A 5JV C . -0.93 -4.52 8.58
O4P 5JV C . -1.20 -3.19 8.14
P 5JV C . -2.03 -2.92 6.80
O3P 5JV C . -3.48 -3.25 7.12
O1P 5JV C . -1.76 -1.44 6.58
O2P 5JV C . -1.42 -3.75 5.73
S SO4 D . -9.64 -18.19 18.78
O1 SO4 D . -11.09 -18.23 19.12
O2 SO4 D . -8.89 -18.27 20.06
O3 SO4 D . -9.27 -19.33 17.91
O4 SO4 D . -9.31 -16.94 18.04
S SO4 E . 8.84 -16.16 30.74
O1 SO4 E . 7.65 -16.94 31.18
O2 SO4 E . 9.47 -15.45 31.90
O3 SO4 E . 9.84 -17.15 30.17
O4 SO4 E . 8.41 -15.17 29.71
S SO4 F . -3.22 0.32 34.90
O1 SO4 F . -4.39 -0.42 34.38
O2 SO4 F . -3.11 0.13 36.37
O3 SO4 F . -1.98 -0.23 34.34
O4 SO4 F . -3.38 1.75 34.56
C1 PEG G . 23.38 18.87 10.68
O1 PEG G . 22.31 19.13 11.60
C2 PEG G . 23.56 20.09 9.79
O2 PEG G . 22.28 20.46 9.26
C3 PEG G . 21.77 21.69 9.78
C4 PEG G . 20.30 21.90 9.38
O4 PEG G . 20.07 21.51 8.01
C CO3 H . -7.73 -20.57 14.27
O1 CO3 H . -8.15 -19.41 14.39
O2 CO3 H . -6.57 -20.76 13.93
O3 CO3 H . -8.49 -21.52 14.47
C1 PEG I . -0.04 -24.60 9.76
O1 PEG I . 1.27 -25.16 9.66
C2 PEG I . 0.15 -23.10 10.02
O2 PEG I . 1.28 -22.62 9.29
C3 PEG I . 1.11 -22.69 7.86
C4 PEG I . 1.76 -21.47 7.25
O4 PEG I . 1.30 -20.32 7.98
OA 5JV J . 9.08 0.96 -7.78
CA 5JV J . 9.15 1.93 -8.61
OB 5JV J . 9.91 2.94 -8.58
CB 5JV J . 8.24 1.98 -9.78
CG 5JV J . 7.65 0.62 -10.10
CD 5JV J . 6.79 0.56 -11.31
CE 5JV J . 6.93 1.51 -12.21
N2 5JV J . 5.80 -0.55 -11.59
C4A 5JV J . 5.15 -1.20 -10.72
C4 5JV J . 4.19 -2.27 -11.13
C3 5JV J . 3.97 -2.61 -12.47
O3 5JV J . 4.58 -1.99 -13.52
C2 5JV J . 3.08 -3.65 -12.79
C2A 5JV J . 2.82 -3.97 -14.27
N1 5JV J . 2.44 -4.33 -11.82
C6 5JV J . 2.63 -4.05 -10.53
C5 5JV J . 3.53 -3.03 -10.15
C5A 5JV J . 3.73 -2.76 -8.68
O4P 5JV J . 2.98 -1.58 -8.30
P 5JV J . 3.45 -0.85 -6.95
O3P 5JV J . 2.31 0.09 -6.72
O1P 5JV J . 4.76 -0.14 -7.20
O2P 5JV J . 3.60 -1.84 -5.80
S SO4 K . 4.75 -18.09 -30.63
O1 SO4 K . 4.64 -19.48 -30.08
O2 SO4 K . 4.35 -17.11 -29.60
O3 SO4 K . 3.85 -17.97 -31.82
O4 SO4 K . 6.16 -17.83 -30.98
S SO4 L . 19.62 -6.82 -18.30
O1 SO4 L . 20.09 -8.02 -17.57
O2 SO4 L . 18.56 -6.20 -17.49
O3 SO4 L . 19.12 -7.18 -19.64
O4 SO4 L . 20.75 -5.86 -18.43
S SO4 M . 4.69 33.60 5.90
O1 SO4 M . 3.98 32.44 5.29
O2 SO4 M . 3.69 34.42 6.62
O3 SO4 M . 5.70 33.09 6.87
O4 SO4 M . 5.33 34.38 4.81
S SO4 N . -0.31 -34.13 -25.62
O1 SO4 N . -1.27 -35.18 -25.22
O2 SO4 N . 0.33 -33.56 -24.42
O3 SO4 N . 0.75 -34.74 -26.49
O4 SO4 N . -1.03 -33.07 -26.37
C CO3 O . 8.41 -25.10 -6.58
O1 CO3 O . 7.24 -24.82 -6.69
O2 CO3 O . 8.78 -25.87 -5.70
O3 CO3 O . 9.20 -24.59 -7.33
C CO3 P . 2.81 1.87 -34.89
O1 CO3 P . 1.84 2.60 -34.79
O2 CO3 P . 3.92 2.32 -34.69
O3 CO3 P . 2.66 0.70 -35.20
C1 PEG Q . 15.72 -17.80 -7.68
O1 PEG Q . 14.60 -17.16 -7.06
C2 PEG Q . 15.27 -18.37 -9.03
O2 PEG Q . 14.46 -17.39 -9.68
C3 PEG Q . 13.30 -17.83 -10.40
C4 PEG Q . 12.01 -17.39 -9.68
O4 PEG Q . 10.98 -18.40 -9.56
#